data_5UHZ
#
_entry.id   5UHZ
#
_cell.length_a   138.763
_cell.length_b   114.183
_cell.length_c   66.158
_cell.angle_alpha   90.00
_cell.angle_beta   94.99
_cell.angle_gamma   90.00
#
_symmetry.space_group_name_H-M   'C 1 2 1'
#
loop_
_entity.id
_entity.type
_entity.pdbx_description
1 polymer 'Oxidoreductase protein'
2 non-polymer NICOTINAMIDE-ADENINE-DINUCLEOTIDE
3 non-polymer (3R,4R)-3,4-dihydroxy-4-(hydroxymethyl)oxolan-2-one
4 non-polymer 'MAGNESIUM ION'
5 water water
#
_entity_poly.entity_id   1
_entity_poly.type   'polypeptide(L)'
_entity_poly.pdbx_seq_one_letter_code
;MNMTELKGALIGCGFFAVNQMHAWKDVKGAGIAAICDRDPKRLKLVGDQFGIERRYGDAAALFADGGFDFVDIATTVQSH
RALVEMAAAHKVPAICQKPFAKSLSDAKAMVRTCENADIPLMVHENFRWQTPIQAVKAVLESGAIGEPFWGRFSFRSGFD
VFSGQPYLAEGERFIIEDLGIHTLDIARFILGDVATLTARTKRVNPKIKGEDVATILLDHQNGATSIVDVSYATKLGTEP
FPETLIDIDGTQGTIRLSQGYRLEVTGPNGMTISDASPQLLSWASRPWHNIQESVLAIQQHWTDRLSSGGETSTSGADNL
KTFALVEAAYESAANGRTVDIGAML
;
_entity_poly.pdbx_strand_id   A,B
#
# COMPACT_ATOMS: atom_id res chain seq x y z
N THR A 4 27.69 -5.98 38.54
CA THR A 4 28.49 -4.71 38.60
C THR A 4 27.87 -3.59 37.76
N GLU A 5 28.13 -2.35 38.16
CA GLU A 5 27.36 -1.18 37.71
C GLU A 5 28.11 -0.36 36.64
N LEU A 6 27.67 -0.47 35.39
CA LEU A 6 28.21 0.34 34.29
C LEU A 6 27.85 1.82 34.45
N LYS A 7 28.78 2.69 34.03
CA LYS A 7 28.65 4.14 34.15
C LYS A 7 28.68 4.75 32.75
N GLY A 8 27.53 5.29 32.32
CA GLY A 8 27.40 5.91 31.00
C GLY A 8 27.60 7.42 31.05
N ALA A 9 28.00 7.98 29.91
CA ALA A 9 27.94 9.42 29.70
C ALA A 9 26.96 9.71 28.58
N LEU A 10 26.08 10.70 28.77
CA LEU A 10 25.12 11.08 27.73
C LEU A 10 25.51 12.46 27.16
N ILE A 11 25.59 12.53 25.83
CA ILE A 11 25.93 13.75 25.11
C ILE A 11 24.72 14.22 24.31
N GLY A 12 24.19 15.38 24.65
CA GLY A 12 23.02 15.96 23.99
C GLY A 12 21.79 15.83 24.87
N CYS A 13 21.58 16.81 25.74
CA CYS A 13 20.51 16.80 26.75
C CYS A 13 19.24 17.46 26.23
N GLY A 14 18.75 16.96 25.10
CA GLY A 14 17.65 17.60 24.41
C GLY A 14 16.30 17.04 24.81
N PHE A 15 15.35 17.24 23.91
CA PHE A 15 13.94 16.84 24.09
C PHE A 15 13.85 15.33 24.36
N PHE A 16 14.38 14.53 23.45
CA PHE A 16 14.30 13.08 23.55
C PHE A 16 15.28 12.46 24.56
N ALA A 17 16.38 13.15 24.85
CA ALA A 17 17.34 12.65 25.87
C ALA A 17 16.68 12.42 27.23
N VAL A 18 15.65 13.21 27.53
CA VAL A 18 14.91 13.09 28.79
C VAL A 18 14.35 11.66 28.93
N ASN A 19 13.80 11.13 27.84
CA ASN A 19 13.29 9.74 27.81
C ASN A 19 14.41 8.75 28.02
N GLN A 20 15.56 8.99 27.41
CA GLN A 20 16.73 8.13 27.53
C GLN A 20 17.26 8.13 28.99
N MET A 21 17.29 9.30 29.62
CA MET A 21 17.69 9.43 31.03
C MET A 21 16.73 8.72 32.01
N HIS A 22 15.42 8.88 31.83
CA HIS A 22 14.45 8.13 32.64
C HIS A 22 14.73 6.64 32.49
N ALA A 23 14.90 6.21 31.24
CA ALA A 23 15.12 4.79 30.94
C ALA A 23 16.43 4.23 31.52
N TRP A 24 17.53 5.01 31.47
CA TRP A 24 18.79 4.59 32.08
C TRP A 24 18.65 4.35 33.58
N LYS A 25 17.81 5.15 34.23
CA LYS A 25 17.45 4.94 35.64
C LYS A 25 16.85 3.53 35.84
N ASP A 26 15.89 3.15 35.01
CA ASP A 26 15.24 1.83 35.07
C ASP A 26 16.12 0.66 34.61
N VAL A 27 17.12 0.90 33.79
CA VAL A 27 17.98 -0.19 33.28
C VAL A 27 18.71 -0.91 34.42
N LYS A 28 18.66 -2.25 34.41
CA LYS A 28 19.44 -3.07 35.35
C LYS A 28 20.87 -3.25 34.84
N GLY A 29 21.84 -2.86 35.66
CA GLY A 29 23.27 -3.03 35.34
C GLY A 29 23.97 -1.83 34.71
N ALA A 30 23.26 -0.71 34.55
CA ALA A 30 23.84 0.54 34.03
C ALA A 30 23.13 1.79 34.55
N GLY A 31 23.89 2.87 34.65
CA GLY A 31 23.39 4.20 35.03
C GLY A 31 24.22 5.30 34.40
N ILE A 32 23.82 6.55 34.57
CA ILE A 32 24.46 7.70 33.91
C ILE A 32 25.29 8.48 34.93
N ALA A 33 26.61 8.52 34.70
CA ALA A 33 27.57 9.16 35.61
C ALA A 33 27.88 10.61 35.24
N ALA A 34 27.65 10.97 33.97
CA ALA A 34 27.93 12.32 33.48
C ALA A 34 27.03 12.70 32.30
N ILE A 35 26.86 14.00 32.10
CA ILE A 35 26.11 14.51 30.95
C ILE A 35 26.87 15.66 30.30
N CYS A 36 26.50 15.96 29.05
CA CYS A 36 27.14 17.01 28.28
C CYS A 36 26.16 17.66 27.31
N ASP A 37 26.22 18.99 27.24
CA ASP A 37 25.50 19.76 26.24
C ASP A 37 26.15 21.16 26.05
N ARG A 38 26.20 21.63 24.80
CA ARG A 38 26.63 23.00 24.48
C ARG A 38 25.73 24.09 25.08
N ASP A 39 24.46 23.77 25.24
CA ASP A 39 23.45 24.69 25.76
C ASP A 39 23.41 24.54 27.29
N PRO A 40 23.86 25.56 28.04
CA PRO A 40 23.85 25.42 29.50
C PRO A 40 22.45 25.37 30.14
N LYS A 41 21.42 25.91 29.48
CA LYS A 41 20.04 25.79 29.97
C LYS A 41 19.60 24.32 30.02
N ARG A 42 19.95 23.55 28.97
CA ARG A 42 19.61 22.13 28.86
C ARG A 42 20.45 21.25 29.78
N LEU A 43 21.74 21.54 29.85
CA LEU A 43 22.64 20.84 30.77
C LEU A 43 22.16 20.96 32.22
N LYS A 44 21.75 22.16 32.62
CA LYS A 44 21.25 22.40 33.99
C LYS A 44 19.86 21.79 34.24
N LEU A 45 18.95 21.91 33.28
CA LEU A 45 17.58 21.38 33.43
C LEU A 45 17.61 19.85 33.59
N VAL A 46 18.33 19.18 32.68
CA VAL A 46 18.48 17.72 32.70
C VAL A 46 19.36 17.25 33.86
N GLY A 47 20.42 18.00 34.15
CA GLY A 47 21.28 17.72 35.31
C GLY A 47 20.54 17.72 36.65
N ASP A 48 19.66 18.73 36.83
CA ASP A 48 18.87 18.87 38.07
C ASP A 48 17.74 17.85 38.14
N GLN A 49 17.06 17.61 37.01
CA GLN A 49 15.97 16.63 36.96
C GLN A 49 16.42 15.24 37.39
N PHE A 50 17.58 14.80 36.89
CA PHE A 50 18.09 13.44 37.15
C PHE A 50 19.21 13.34 38.19
N GLY A 51 19.56 14.46 38.84
CA GLY A 51 20.57 14.49 39.90
C GLY A 51 21.96 14.05 39.48
N ILE A 52 22.44 14.58 38.34
CA ILE A 52 23.75 14.24 37.81
C ILE A 52 24.73 15.34 38.21
N GLU A 53 25.79 14.96 38.93
CA GLU A 53 26.78 15.92 39.45
C GLU A 53 27.74 16.39 38.36
N ARG A 54 28.30 15.43 37.60
CA ARG A 54 29.27 15.72 36.55
C ARG A 54 28.58 16.30 35.30
N ARG A 55 28.89 17.56 34.99
CA ARG A 55 28.28 18.28 33.87
C ARG A 55 29.37 18.95 33.03
N TYR A 56 29.29 18.80 31.71
CA TYR A 56 30.29 19.29 30.78
C TYR A 56 29.68 20.14 29.67
N GLY A 57 30.27 21.30 29.42
CA GLY A 57 29.86 22.19 28.33
C GLY A 57 30.31 21.73 26.95
N ASP A 58 31.26 20.80 26.88
CA ASP A 58 31.74 20.28 25.59
C ASP A 58 32.20 18.83 25.72
N ALA A 59 31.96 18.04 24.67
CA ALA A 59 32.29 16.61 24.69
C ALA A 59 33.78 16.31 24.80
N ALA A 60 34.63 17.17 24.24
CA ALA A 60 36.09 17.00 24.30
C ALA A 60 36.59 16.89 25.74
N ALA A 61 36.13 17.80 26.60
CA ALA A 61 36.50 17.80 28.02
C ALA A 61 35.94 16.58 28.77
N LEU A 62 34.69 16.23 28.49
CA LEU A 62 34.08 15.00 29.02
C LEU A 62 34.98 13.79 28.76
N PHE A 63 35.30 13.56 27.48
CA PHE A 63 36.17 12.45 27.08
C PHE A 63 37.59 12.51 27.66
N ALA A 64 38.11 13.71 27.90
CA ALA A 64 39.41 13.87 28.57
C ALA A 64 39.37 13.32 30.00
N ASP A 65 38.37 13.72 30.77
CA ASP A 65 38.23 13.26 32.16
C ASP A 65 37.90 11.76 32.25
N GLY A 66 37.07 11.26 31.34
CA GLY A 66 36.74 9.84 31.27
C GLY A 66 35.87 9.42 32.43
N GLY A 67 36.14 8.23 32.97
CA GLY A 67 35.36 7.69 34.08
C GLY A 67 33.98 7.18 33.69
N PHE A 68 33.82 6.79 32.43
CA PHE A 68 32.59 6.15 31.95
C PHE A 68 32.92 4.99 31.03
N ASP A 69 32.06 3.97 31.06
CA ASP A 69 32.25 2.72 30.31
C ASP A 69 31.61 2.75 28.92
N PHE A 70 30.61 3.62 28.71
CA PHE A 70 30.02 3.84 27.39
C PHE A 70 29.52 5.26 27.22
N VAL A 71 29.23 5.65 25.98
CA VAL A 71 28.68 6.96 25.68
C VAL A 71 27.35 6.82 24.93
N ASP A 72 26.40 7.69 25.27
CA ASP A 72 25.09 7.71 24.63
C ASP A 72 24.90 9.06 23.95
N ILE A 73 24.98 9.05 22.62
CA ILE A 73 24.94 10.26 21.83
C ILE A 73 23.48 10.51 21.42
N ALA A 74 22.87 11.51 22.06
CA ALA A 74 21.49 11.90 21.79
C ALA A 74 21.37 13.28 21.13
N THR A 75 22.43 13.71 20.44
CA THR A 75 22.42 14.99 19.72
C THR A 75 21.72 14.79 18.37
N THR A 76 21.43 15.91 17.71
CA THR A 76 21.02 15.91 16.30
C THR A 76 22.18 15.45 15.39
N VAL A 77 21.83 15.10 14.15
CA VAL A 77 22.75 14.44 13.20
C VAL A 77 24.11 15.11 12.95
N GLN A 78 24.14 16.44 12.99
CA GLN A 78 25.34 17.23 12.69
C GLN A 78 26.59 16.77 13.47
N SER A 79 26.40 16.45 14.76
CA SER A 79 27.51 16.08 15.65
C SER A 79 27.86 14.59 15.67
N HIS A 80 27.03 13.75 15.05
CA HIS A 80 27.18 12.30 15.20
C HIS A 80 28.54 11.76 14.77
N ARG A 81 29.01 12.18 13.60
CA ARG A 81 30.31 11.73 13.09
C ARG A 81 31.44 12.03 14.07
N ALA A 82 31.53 13.27 14.52
CA ALA A 82 32.64 13.70 15.40
C ALA A 82 32.60 13.00 16.75
N LEU A 83 31.42 12.88 17.34
CA LEU A 83 31.26 12.25 18.66
C LEU A 83 31.58 10.75 18.65
N VAL A 84 31.15 10.06 17.59
CA VAL A 84 31.50 8.64 17.38
C VAL A 84 33.01 8.46 17.16
N GLU A 85 33.63 9.36 16.39
CA GLU A 85 35.08 9.35 16.19
C GLU A 85 35.87 9.62 17.49
N MET A 86 35.34 10.53 18.33
CA MET A 86 35.90 10.77 19.69
C MET A 86 35.77 9.51 20.55
N ALA A 87 34.60 8.89 20.51
CA ALA A 87 34.36 7.65 21.26
C ALA A 87 35.38 6.58 20.85
N ALA A 88 35.52 6.34 19.55
CA ALA A 88 36.45 5.33 19.01
C ALA A 88 37.90 5.56 19.42
N ALA A 89 38.35 6.81 19.35
CA ALA A 89 39.73 7.18 19.73
C ALA A 89 40.00 7.02 21.22
N HIS A 90 38.97 7.22 22.05
CA HIS A 90 39.04 7.01 23.49
C HIS A 90 38.64 5.58 23.93
N LYS A 91 38.41 4.70 22.96
CA LYS A 91 38.02 3.30 23.19
C LYS A 91 36.84 3.17 24.16
N VAL A 92 35.81 3.98 23.91
CA VAL A 92 34.58 3.99 24.70
C VAL A 92 33.45 3.53 23.78
N PRO A 93 32.78 2.42 24.13
CA PRO A 93 31.59 1.94 23.42
C PRO A 93 30.52 3.01 23.27
N ALA A 94 29.90 3.08 22.10
CA ALA A 94 29.02 4.20 21.77
C ALA A 94 27.65 3.78 21.25
N ILE A 95 26.61 4.46 21.76
CA ILE A 95 25.28 4.42 21.19
C ILE A 95 25.07 5.76 20.47
N CYS A 96 24.52 5.70 19.26
CA CYS A 96 24.25 6.92 18.50
C CYS A 96 22.79 6.98 18.04
N GLN A 97 22.16 8.13 18.25
CA GLN A 97 20.78 8.35 17.79
C GLN A 97 20.65 8.35 16.26
N LYS A 98 19.43 8.12 15.80
CA LYS A 98 19.08 8.29 14.38
C LYS A 98 18.76 9.76 14.11
N PRO A 99 18.83 10.21 12.85
CA PRO A 99 19.48 9.48 11.77
C PRO A 99 20.98 9.34 12.06
N PHE A 100 21.52 8.16 11.78
CA PHE A 100 22.88 7.79 12.18
C PHE A 100 23.89 8.82 11.68
N ALA A 101 23.94 9.00 10.35
CA ALA A 101 24.84 9.96 9.71
C ALA A 101 24.07 10.77 8.68
N LYS A 102 24.70 11.82 8.15
CA LYS A 102 24.12 12.65 7.07
C LYS A 102 24.03 11.90 5.73
N SER A 103 25.01 11.02 5.50
CA SER A 103 25.07 10.22 4.27
C SER A 103 25.54 8.81 4.60
N LEU A 104 25.35 7.90 3.64
CA LEU A 104 25.80 6.52 3.76
C LEU A 104 27.34 6.43 3.84
N SER A 105 28.03 7.31 3.10
CA SER A 105 29.49 7.46 3.20
C SER A 105 29.96 7.72 4.63
N ASP A 106 29.38 8.76 5.24
CA ASP A 106 29.71 9.12 6.62
C ASP A 106 29.45 7.95 7.56
N ALA A 107 28.29 7.31 7.39
CA ALA A 107 27.93 6.13 8.18
C ALA A 107 28.97 5.02 8.07
N LYS A 108 29.33 4.66 6.82
CA LYS A 108 30.34 3.62 6.57
C LYS A 108 31.66 3.91 7.25
N ALA A 109 32.11 5.16 7.16
CA ALA A 109 33.37 5.60 7.79
C ALA A 109 33.26 5.53 9.31
N MET A 110 32.11 5.94 9.86
CA MET A 110 31.89 5.83 11.30
C MET A 110 31.89 4.35 11.77
N VAL A 111 31.23 3.48 11.02
CA VAL A 111 31.26 2.03 11.31
C VAL A 111 32.68 1.47 11.24
N ARG A 112 33.43 1.81 10.19
CA ARG A 112 34.81 1.33 10.02
C ARG A 112 35.70 1.75 11.19
N THR A 113 35.61 3.03 11.57
CA THR A 113 36.39 3.58 12.68
C THR A 113 36.15 2.86 14.02
N CYS A 114 34.90 2.51 14.29
CA CYS A 114 34.58 1.74 15.51
C CYS A 114 35.08 0.28 15.43
N GLU A 115 35.01 -0.33 14.25
CA GLU A 115 35.58 -1.68 14.02
C GLU A 115 37.11 -1.68 14.14
N ASN A 116 37.77 -0.69 13.54
CA ASN A 116 39.23 -0.47 13.69
C ASN A 116 39.64 -0.30 15.15
N ALA A 117 38.84 0.42 15.94
CA ALA A 117 39.11 0.63 17.37
C ALA A 117 38.60 -0.50 18.27
N ASP A 118 37.86 -1.45 17.70
CA ASP A 118 37.31 -2.61 18.42
C ASP A 118 36.39 -2.17 19.58
N ILE A 119 35.45 -1.30 19.26
CA ILE A 119 34.40 -0.87 20.20
C ILE A 119 33.02 -1.16 19.61
N PRO A 120 32.08 -1.63 20.45
CA PRO A 120 30.70 -1.75 20.01
C PRO A 120 30.09 -0.40 19.60
N LEU A 121 29.30 -0.41 18.52
CA LEU A 121 28.57 0.75 18.06
C LEU A 121 27.15 0.34 17.78
N MET A 122 26.20 0.91 18.52
CA MET A 122 24.77 0.64 18.31
C MET A 122 24.09 1.93 17.90
N VAL A 123 23.24 1.84 16.88
CA VAL A 123 22.36 2.94 16.54
C VAL A 123 21.10 2.79 17.37
N HIS A 124 20.72 3.84 18.08
CA HIS A 124 19.47 3.88 18.82
C HIS A 124 18.31 3.96 17.84
N GLU A 125 17.90 2.80 17.35
CA GLU A 125 16.81 2.66 16.41
C GLU A 125 15.74 1.82 17.12
N ASN A 126 14.79 2.51 17.75
CA ASN A 126 13.93 1.87 18.77
C ASN A 126 12.55 1.38 18.32
N PHE A 127 12.11 1.72 17.10
CA PHE A 127 10.80 1.26 16.63
C PHE A 127 10.65 -0.26 16.56
N ARG A 128 11.70 -0.96 16.11
CA ARG A 128 11.68 -2.44 16.10
C ARG A 128 11.60 -3.08 17.50
N TRP A 129 11.97 -2.30 18.52
CA TRP A 129 11.89 -2.73 19.93
C TRP A 129 10.54 -2.45 20.61
N GLN A 130 9.58 -1.90 19.88
CA GLN A 130 8.22 -1.71 20.41
C GLN A 130 7.56 -3.08 20.61
N THR A 131 6.83 -3.23 21.70
CA THR A 131 6.10 -4.49 21.97
C THR A 131 5.31 -5.04 20.76
N PRO A 132 4.46 -4.22 20.10
CA PRO A 132 3.72 -4.74 18.94
C PRO A 132 4.60 -5.24 17.77
N ILE A 133 5.64 -4.49 17.44
CA ILE A 133 6.52 -4.88 16.33
C ILE A 133 7.23 -6.20 16.66
N GLN A 134 7.73 -6.32 17.89
CA GLN A 134 8.30 -7.58 18.39
C GLN A 134 7.33 -8.76 18.28
N ALA A 135 6.06 -8.52 18.56
CA ALA A 135 5.03 -9.56 18.48
C ALA A 135 4.80 -10.04 17.04
N VAL A 136 4.84 -9.10 16.09
CA VAL A 136 4.74 -9.45 14.65
C VAL A 136 5.91 -10.34 14.26
N LYS A 137 7.11 -9.96 14.69
CA LYS A 137 8.31 -10.77 14.45
C LYS A 137 8.15 -12.18 15.02
N ALA A 138 7.75 -12.27 16.29
CA ALA A 138 7.59 -13.58 16.97
C ALA A 138 6.60 -14.49 16.24
N VAL A 139 5.46 -13.94 15.85
CA VAL A 139 4.42 -14.67 15.12
C VAL A 139 4.97 -15.22 13.80
N LEU A 140 5.58 -14.34 13.01
CA LEU A 140 6.11 -14.73 11.71
C LEU A 140 7.21 -15.79 11.88
N GLU A 141 8.12 -15.57 12.83
CA GLU A 141 9.19 -16.52 13.19
C GLU A 141 8.67 -17.93 13.53
N SER A 142 7.55 -18.00 14.24
CA SER A 142 6.95 -19.29 14.65
C SER A 142 6.42 -20.17 13.50
N GLY A 143 6.29 -19.62 12.30
CA GLY A 143 5.73 -20.33 11.16
C GLY A 143 4.20 -20.37 11.12
N ALA A 144 3.54 -19.54 11.92
CA ALA A 144 2.07 -19.54 12.03
C ALA A 144 1.36 -19.28 10.70
N ILE A 145 1.96 -18.41 9.87
CA ILE A 145 1.41 -18.05 8.55
C ILE A 145 2.24 -18.53 7.36
N GLY A 146 3.19 -19.44 7.60
CA GLY A 146 4.09 -19.94 6.55
C GLY A 146 5.13 -18.91 6.12
N GLU A 147 5.61 -19.07 4.89
CA GLU A 147 6.58 -18.15 4.30
C GLU A 147 5.90 -16.85 3.88
N PRO A 148 6.40 -15.68 4.35
CA PRO A 148 5.81 -14.41 3.94
C PRO A 148 6.11 -14.08 2.47
N PHE A 149 5.14 -13.54 1.76
CA PHE A 149 5.33 -13.05 0.38
C PHE A 149 4.96 -11.58 0.14
N TRP A 150 4.20 -10.97 1.03
CA TRP A 150 3.74 -9.59 0.85
C TRP A 150 3.61 -8.91 2.20
N GLY A 151 3.93 -7.62 2.26
CA GLY A 151 3.80 -6.84 3.47
C GLY A 151 3.41 -5.40 3.23
N ARG A 152 2.80 -4.77 4.24
CA ARG A 152 2.59 -3.33 4.26
C ARG A 152 2.95 -2.79 5.63
N PHE A 153 3.70 -1.70 5.63
CA PHE A 153 4.16 -1.07 6.84
C PHE A 153 3.79 0.39 6.72
N SER A 154 2.86 0.83 7.57
CA SER A 154 2.19 2.13 7.41
C SER A 154 2.23 2.99 8.67
N PHE A 155 2.58 4.26 8.50
CA PHE A 155 2.56 5.26 9.55
C PHE A 155 1.98 6.49 8.89
N ARG A 156 0.66 6.64 8.98
CA ARG A 156 -0.07 7.78 8.41
C ARG A 156 -0.73 8.54 9.55
N SER A 157 -0.36 9.81 9.70
CA SER A 157 -0.71 10.65 10.86
C SER A 157 -0.89 12.10 10.45
N GLY A 158 -1.55 12.87 11.33
CA GLY A 158 -1.64 14.32 11.22
C GLY A 158 -1.19 15.02 12.49
N PHE A 159 -0.39 14.33 13.30
CA PHE A 159 0.06 14.83 14.60
C PHE A 159 1.11 15.93 14.43
N ASP A 160 1.02 16.96 15.28
CA ASP A 160 1.95 18.08 15.28
C ASP A 160 3.26 17.67 15.98
N VAL A 161 4.13 16.99 15.23
CA VAL A 161 5.51 16.68 15.68
C VAL A 161 6.45 17.89 15.67
N PHE A 162 6.03 18.96 15.01
CA PHE A 162 6.88 20.12 14.76
C PHE A 162 7.08 20.99 15.99
N SER A 163 6.10 21.03 16.91
CA SER A 163 6.25 21.79 18.17
C SER A 163 7.41 21.27 19.03
N GLY A 164 7.40 19.96 19.30
CA GLY A 164 8.46 19.31 20.06
C GLY A 164 9.79 19.25 19.33
N GLN A 165 9.75 19.16 18.00
CA GLN A 165 10.97 19.05 17.16
C GLN A 165 10.93 20.05 16.01
N PRO A 166 11.21 21.36 16.29
CA PRO A 166 11.12 22.44 15.27
C PRO A 166 11.97 22.26 14.02
N TYR A 167 13.17 21.72 14.17
CA TYR A 167 14.07 21.37 13.04
C TYR A 167 13.42 20.54 11.90
N LEU A 168 12.41 19.73 12.24
CA LEU A 168 11.68 18.92 11.25
C LEU A 168 10.98 19.75 10.16
N ALA A 169 10.52 20.95 10.53
CA ALA A 169 9.87 21.88 9.58
C ALA A 169 10.84 22.65 8.66
N GLU A 170 12.14 22.59 8.92
CA GLU A 170 13.13 23.48 8.28
C GLU A 170 13.90 22.88 7.10
N GLY A 171 14.21 21.59 7.14
CA GLY A 171 15.05 20.96 6.11
C GLY A 171 14.39 20.77 4.75
N GLU A 172 15.24 20.59 3.74
CA GLU A 172 14.82 20.15 2.40
C GLU A 172 14.30 18.70 2.45
N ARG A 173 14.90 17.91 3.34
CA ARG A 173 14.44 16.56 3.65
C ARG A 173 13.69 16.53 4.98
N PHE A 174 12.64 15.71 5.05
CA PHE A 174 11.87 15.52 6.28
C PHE A 174 11.46 14.06 6.51
N ILE A 175 10.31 13.63 5.99
CA ILE A 175 9.66 12.44 6.56
C ILE A 175 10.46 11.15 6.43
N ILE A 176 11.21 10.96 5.33
CA ILE A 176 11.92 9.69 5.16
C ILE A 176 13.11 9.58 6.11
N GLU A 177 13.90 10.65 6.25
CA GLU A 177 15.08 10.63 7.15
C GLU A 177 14.70 10.67 8.64
N ASP A 178 13.54 11.26 8.95
CA ASP A 178 13.07 11.37 10.34
C ASP A 178 12.29 10.13 10.78
N LEU A 179 11.25 9.79 10.01
CA LEU A 179 10.31 8.74 10.38
C LEU A 179 10.42 7.50 9.49
N GLY A 180 10.35 7.69 8.18
CA GLY A 180 10.48 6.59 7.21
C GLY A 180 11.63 5.66 7.49
N ILE A 181 12.74 6.24 7.98
CA ILE A 181 13.89 5.48 8.48
C ILE A 181 13.51 4.37 9.46
N HIS A 182 12.57 4.65 10.37
CA HIS A 182 12.03 3.65 11.30
C HIS A 182 11.22 2.57 10.58
N THR A 183 10.32 3.00 9.70
CA THR A 183 9.40 2.10 9.00
C THR A 183 10.15 1.17 8.06
N LEU A 184 11.18 1.71 7.41
CA LEU A 184 12.10 0.92 6.59
C LEU A 184 12.93 -0.08 7.40
N ASP A 185 13.37 0.35 8.58
CA ASP A 185 14.05 -0.56 9.51
C ASP A 185 13.14 -1.73 9.92
N ILE A 186 11.87 -1.42 10.17
CA ILE A 186 10.87 -2.44 10.52
C ILE A 186 10.68 -3.40 9.36
N ALA A 187 10.60 -2.87 8.15
CA ALA A 187 10.43 -3.72 6.96
C ALA A 187 11.57 -4.71 6.80
N ARG A 188 12.81 -4.25 7.02
CA ARG A 188 14.00 -5.13 7.06
C ARG A 188 13.92 -6.15 8.18
N PHE A 189 13.60 -5.64 9.37
CA PHE A 189 13.47 -6.45 10.59
C PHE A 189 12.47 -7.60 10.44
N ILE A 190 11.34 -7.31 9.79
CA ILE A 190 10.28 -8.31 9.60
C ILE A 190 10.52 -9.19 8.37
N LEU A 191 10.81 -8.58 7.22
CA LEU A 191 10.84 -9.31 5.93
C LEU A 191 12.23 -9.54 5.31
N GLY A 192 13.30 -9.16 6.01
CA GLY A 192 14.67 -9.36 5.50
C GLY A 192 15.14 -8.19 4.66
N ASP A 193 16.42 -8.24 4.29
CA ASP A 193 17.10 -7.16 3.56
C ASP A 193 16.50 -6.97 2.17
N VAL A 194 16.71 -5.78 1.62
CA VAL A 194 16.08 -5.34 0.37
C VAL A 194 17.11 -5.32 -0.78
N ALA A 195 16.74 -5.96 -1.90
CA ALA A 195 17.53 -5.96 -3.13
C ALA A 195 17.32 -4.69 -3.96
N THR A 196 16.06 -4.32 -4.18
CA THR A 196 15.70 -3.13 -4.98
C THR A 196 14.53 -2.36 -4.36
N LEU A 197 14.47 -1.08 -4.69
CA LEU A 197 13.56 -0.14 -4.04
C LEU A 197 13.16 0.95 -5.04
N THR A 198 11.92 1.42 -4.92
CA THR A 198 11.45 2.58 -5.68
C THR A 198 10.50 3.43 -4.81
N ALA A 199 10.66 4.75 -4.87
CA ALA A 199 10.00 5.67 -3.93
C ALA A 199 9.44 6.89 -4.62
N ARG A 200 8.35 7.40 -4.08
CA ARG A 200 7.69 8.62 -4.55
C ARG A 200 7.43 9.50 -3.34
N THR A 201 7.66 10.81 -3.48
CA THR A 201 7.48 11.77 -2.39
C THR A 201 6.66 12.98 -2.81
N LYS A 202 6.21 13.73 -1.81
CA LYS A 202 5.32 14.87 -2.01
C LYS A 202 5.38 15.76 -0.79
N ARG A 203 5.21 17.08 -0.99
CA ARG A 203 5.00 18.02 0.10
C ARG A 203 3.58 18.56 0.03
N VAL A 204 2.76 18.21 1.02
CA VAL A 204 1.38 18.67 1.15
C VAL A 204 1.29 19.91 2.07
N ASN A 205 1.89 19.81 3.26
CA ASN A 205 1.85 20.88 4.27
C ASN A 205 2.59 22.13 3.78
N PRO A 206 1.88 23.27 3.65
CA PRO A 206 2.55 24.49 3.17
C PRO A 206 3.44 25.22 4.20
N LYS A 207 3.44 24.80 5.47
CA LYS A 207 4.26 25.44 6.51
C LYS A 207 5.66 24.79 6.72
N ILE A 208 6.01 23.81 5.88
CA ILE A 208 7.31 23.10 6.00
C ILE A 208 8.10 23.16 4.69
N LYS A 209 9.41 22.96 4.77
CA LYS A 209 10.29 22.96 3.59
C LYS A 209 10.45 21.57 2.94
N GLY A 210 10.27 20.51 3.73
CA GLY A 210 10.57 19.14 3.27
C GLY A 210 9.36 18.30 2.88
N GLU A 211 9.64 17.12 2.32
CA GLU A 211 8.59 16.18 1.94
C GLU A 211 7.93 15.55 3.18
N ASP A 212 6.60 15.53 3.21
CA ASP A 212 5.87 14.94 4.33
C ASP A 212 5.00 13.73 3.95
N VAL A 213 5.18 13.23 2.73
CA VAL A 213 4.47 12.04 2.26
C VAL A 213 5.47 11.25 1.43
N ALA A 214 5.56 9.95 1.68
CA ALA A 214 6.42 9.06 0.91
C ALA A 214 5.80 7.68 0.77
N THR A 215 5.80 7.14 -0.45
CA THR A 215 5.32 5.80 -0.72
C THR A 215 6.49 5.03 -1.37
N ILE A 216 6.89 3.94 -0.73
CA ILE A 216 8.08 3.18 -1.12
C ILE A 216 7.65 1.73 -1.35
N LEU A 217 8.14 1.13 -2.44
CA LEU A 217 7.85 -0.24 -2.82
C LEU A 217 9.16 -1.02 -2.77
N LEU A 218 9.22 -2.05 -1.92
CA LEU A 218 10.45 -2.80 -1.65
C LEU A 218 10.38 -4.21 -2.26
N ASP A 219 11.48 -4.63 -2.90
CA ASP A 219 11.65 -6.01 -3.34
C ASP A 219 12.70 -6.64 -2.42
N HIS A 220 12.25 -7.56 -1.58
CA HIS A 220 13.14 -8.20 -0.60
C HIS A 220 13.92 -9.35 -1.23
N GLN A 221 15.08 -9.64 -0.66
CA GLN A 221 15.97 -10.70 -1.17
C GLN A 221 15.31 -12.09 -1.13
N ASN A 222 14.47 -12.33 -0.12
CA ASN A 222 13.69 -13.58 -0.01
C ASN A 222 12.48 -13.70 -0.97
N GLY A 223 12.28 -12.69 -1.83
CA GLY A 223 11.24 -12.75 -2.86
C GLY A 223 9.95 -12.06 -2.47
N ALA A 224 9.86 -11.55 -1.24
CA ALA A 224 8.68 -10.83 -0.80
C ALA A 224 8.67 -9.42 -1.35
N THR A 225 7.47 -8.89 -1.56
CA THR A 225 7.25 -7.51 -1.95
C THR A 225 6.63 -6.79 -0.75
N SER A 226 6.98 -5.53 -0.54
CA SER A 226 6.35 -4.76 0.53
C SER A 226 6.20 -3.26 0.22
N ILE A 227 5.11 -2.70 0.76
CA ILE A 227 4.84 -1.27 0.70
C ILE A 227 5.25 -0.65 2.02
N VAL A 228 6.03 0.42 1.98
CA VAL A 228 6.26 1.27 3.14
C VAL A 228 5.65 2.63 2.78
N ASP A 229 4.56 2.99 3.44
CA ASP A 229 3.89 4.25 3.16
C ASP A 229 3.83 5.08 4.43
N VAL A 230 4.33 6.31 4.35
CA VAL A 230 4.38 7.24 5.48
C VAL A 230 3.83 8.59 5.08
N SER A 231 3.27 9.29 6.07
CA SER A 231 2.63 10.59 5.85
C SER A 231 2.44 11.31 7.18
N TYR A 232 2.80 12.60 7.23
CA TYR A 232 2.37 13.51 8.31
C TYR A 232 1.32 14.53 7.81
N ALA A 233 0.60 14.21 6.73
CA ALA A 233 -0.50 15.06 6.23
C ALA A 233 -1.84 14.31 6.11
N THR A 234 -1.99 13.22 6.86
CA THR A 234 -3.18 12.38 6.82
C THR A 234 -4.09 12.72 8.00
N LYS A 235 -5.30 13.19 7.70
CA LYS A 235 -6.25 13.70 8.70
C LYS A 235 -7.39 12.71 8.90
N LEU A 236 -7.26 11.91 9.95
CA LEU A 236 -8.16 10.82 10.26
C LEU A 236 -9.06 11.16 11.44
N GLY A 237 -10.15 10.41 11.56
CA GLY A 237 -11.11 10.58 12.65
C GLY A 237 -10.47 10.31 13.99
N THR A 238 -9.74 9.21 14.08
CA THR A 238 -8.91 8.91 15.25
C THR A 238 -7.45 9.04 14.84
N GLU A 239 -6.71 9.85 15.59
CA GLU A 239 -5.29 10.09 15.33
C GLU A 239 -4.46 8.90 15.86
N PRO A 240 -3.82 8.10 14.97
CA PRO A 240 -3.10 6.91 15.44
C PRO A 240 -1.64 7.11 15.90
N PHE A 241 -1.15 8.35 15.92
CA PHE A 241 0.26 8.63 16.30
C PHE A 241 0.60 7.98 17.66
N PRO A 242 1.72 7.26 17.79
CA PRO A 242 2.72 7.01 16.76
C PRO A 242 2.77 5.51 16.47
N GLU A 243 1.65 4.97 16.03
CA GLU A 243 1.52 3.54 15.76
C GLU A 243 1.90 3.23 14.31
N THR A 244 2.71 2.20 14.14
CA THR A 244 3.03 1.65 12.84
C THR A 244 2.14 0.43 12.62
N LEU A 245 1.33 0.46 11.56
CA LEU A 245 0.40 -0.61 11.25
C LEU A 245 1.04 -1.55 10.22
N ILE A 246 0.82 -2.85 10.39
CA ILE A 246 1.57 -3.85 9.65
C ILE A 246 0.64 -4.93 9.15
N ASP A 247 0.73 -5.23 7.85
CA ASP A 247 0.02 -6.38 7.26
C ASP A 247 1.07 -7.27 6.65
N ILE A 248 1.03 -8.56 6.97
CA ILE A 248 1.87 -9.54 6.29
C ILE A 248 0.97 -10.63 5.74
N ASP A 249 1.23 -11.04 4.50
CA ASP A 249 0.54 -12.19 3.89
C ASP A 249 1.54 -13.29 3.64
N GLY A 250 1.23 -14.49 4.11
CA GLY A 250 2.08 -15.65 3.92
C GLY A 250 1.35 -16.77 3.21
N THR A 251 2.11 -17.80 2.84
CA THR A 251 1.59 -18.96 2.11
C THR A 251 0.49 -19.72 2.86
N GLN A 252 0.51 -19.66 4.19
CA GLN A 252 -0.48 -20.35 5.04
C GLN A 252 -1.32 -19.41 5.94
N GLY A 253 -1.20 -18.10 5.78
CA GLY A 253 -1.97 -17.18 6.61
C GLY A 253 -1.66 -15.69 6.49
N THR A 254 -2.17 -14.93 7.46
CA THR A 254 -2.03 -13.47 7.49
C THR A 254 -1.82 -12.96 8.90
N ILE A 255 -1.06 -11.86 9.00
CA ILE A 255 -0.90 -11.09 10.23
C ILE A 255 -1.45 -9.72 9.91
N ARG A 256 -2.21 -9.16 10.86
CA ARG A 256 -2.72 -7.80 10.74
C ARG A 256 -2.56 -7.13 12.09
N LEU A 257 -1.65 -6.16 12.14
CA LEU A 257 -1.47 -5.30 13.31
C LEU A 257 -2.14 -4.01 12.93
N SER A 258 -3.31 -3.77 13.50
CA SER A 258 -4.17 -2.62 13.18
C SER A 258 -4.21 -1.65 14.37
N GLN A 259 -4.90 -0.52 14.20
CA GLN A 259 -4.90 0.56 15.20
C GLN A 259 -5.41 0.11 16.56
N GLY A 260 -4.88 0.73 17.62
CA GLY A 260 -5.12 0.31 19.00
C GLY A 260 -4.35 -0.95 19.40
N TYR A 261 -3.28 -1.27 18.67
CA TYR A 261 -2.42 -2.41 18.94
C TYR A 261 -3.12 -3.78 18.92
N ARG A 262 -4.15 -3.90 18.07
CA ARG A 262 -4.86 -5.16 17.89
C ARG A 262 -4.04 -6.02 16.91
N LEU A 263 -3.80 -7.27 17.28
CA LEU A 263 -3.02 -8.19 16.47
C LEU A 263 -3.90 -9.38 16.06
N GLU A 264 -4.22 -9.47 14.77
CA GLU A 264 -5.00 -10.58 14.23
C GLU A 264 -4.09 -11.51 13.44
N VAL A 265 -4.08 -12.78 13.81
CA VAL A 265 -3.29 -13.78 13.13
C VAL A 265 -4.24 -14.85 12.66
N THR A 266 -4.19 -15.18 11.37
CA THR A 266 -4.98 -16.26 10.81
C THR A 266 -4.03 -17.32 10.27
N GLY A 267 -4.35 -18.58 10.56
CA GLY A 267 -3.53 -19.72 10.15
C GLY A 267 -4.39 -20.93 9.81
N PRO A 268 -3.74 -22.05 9.46
CA PRO A 268 -4.45 -23.29 9.11
C PRO A 268 -5.47 -23.75 10.16
N ASN A 269 -5.17 -23.49 11.44
CA ASN A 269 -6.09 -23.78 12.54
C ASN A 269 -7.27 -22.78 12.56
N GLY A 270 -6.95 -21.49 12.50
CA GLY A 270 -7.97 -20.44 12.51
C GLY A 270 -7.42 -19.08 12.93
N MET A 271 -8.34 -18.18 13.28
CA MET A 271 -7.97 -16.83 13.69
C MET A 271 -7.77 -16.74 15.20
N THR A 272 -6.77 -15.94 15.62
CA THR A 272 -6.61 -15.51 17.01
C THR A 272 -6.47 -14.00 17.04
N ILE A 273 -7.00 -13.37 18.09
CA ILE A 273 -6.93 -11.91 18.28
C ILE A 273 -6.19 -11.64 19.59
N SER A 274 -5.16 -10.82 19.53
CA SER A 274 -4.35 -10.50 20.70
C SER A 274 -4.28 -8.99 20.89
N ASP A 275 -4.02 -8.58 22.13
CA ASP A 275 -3.84 -7.18 22.48
C ASP A 275 -2.33 -7.00 22.70
N ALA A 276 -1.66 -6.48 21.68
CA ALA A 276 -0.21 -6.20 21.70
C ALA A 276 0.12 -4.77 22.18
N SER A 277 -0.69 -4.23 23.09
CA SER A 277 -0.47 -2.88 23.58
C SER A 277 0.78 -2.83 24.43
N PRO A 278 1.48 -1.70 24.40
CA PRO A 278 2.66 -1.55 25.26
C PRO A 278 2.26 -1.29 26.71
N GLN A 279 3.22 -1.48 27.60
CA GLN A 279 3.06 -1.13 28.99
C GLN A 279 3.14 0.39 29.13
N LEU A 280 2.71 0.91 30.28
CA LEU A 280 2.84 2.33 30.59
C LEU A 280 3.79 2.45 31.78
N LEU A 281 5.02 2.88 31.52
CA LEU A 281 6.02 3.01 32.58
C LEU A 281 5.68 4.22 33.42
N SER A 282 6.21 4.28 34.63
CA SER A 282 5.85 5.34 35.60
C SER A 282 6.08 6.76 35.07
N TRP A 283 7.13 6.93 34.27
CA TRP A 283 7.56 8.23 33.73
C TRP A 283 7.02 8.52 32.33
N ALA A 284 6.29 7.58 31.74
CA ALA A 284 5.81 7.71 30.37
C ALA A 284 4.55 8.60 30.31
N SER A 285 4.17 8.96 29.09
CA SER A 285 3.03 9.84 28.83
C SER A 285 2.38 9.42 27.52
N ARG A 286 1.05 9.36 27.51
CA ARG A 286 0.30 9.12 26.28
C ARG A 286 0.42 10.35 25.37
N PRO A 287 0.54 10.17 24.05
CA PRO A 287 0.58 8.88 23.35
C PRO A 287 2.01 8.34 23.04
N TRP A 288 3.03 8.88 23.71
CA TRP A 288 4.44 8.51 23.44
C TRP A 288 4.89 7.21 24.12
N HIS A 289 4.02 6.63 24.94
CA HIS A 289 4.38 5.51 25.83
C HIS A 289 4.92 4.25 25.15
N ASN A 290 4.53 3.98 23.92
CA ASN A 290 5.07 2.83 23.16
C ASN A 290 6.53 3.07 22.78
N ILE A 291 6.81 4.27 22.29
CA ILE A 291 8.18 4.69 21.96
C ILE A 291 9.01 4.68 23.24
N GLN A 292 8.47 5.28 24.30
CA GLN A 292 9.16 5.39 25.59
C GLN A 292 9.53 4.03 26.20
N GLU A 293 8.62 3.07 26.16
CA GLU A 293 8.92 1.70 26.61
C GLU A 293 10.09 1.15 25.80
N SER A 294 10.05 1.34 24.48
CA SER A 294 11.08 0.81 23.58
C SER A 294 12.47 1.42 23.81
N VAL A 295 12.51 2.61 24.42
CA VAL A 295 13.78 3.23 24.84
C VAL A 295 14.43 2.40 25.94
N LEU A 296 13.64 1.95 26.92
CA LEU A 296 14.12 1.01 27.95
C LEU A 296 14.55 -0.33 27.37
N ALA A 297 13.75 -0.88 26.46
CA ALA A 297 14.07 -2.17 25.83
C ALA A 297 15.43 -2.13 25.10
N ILE A 298 15.60 -1.15 24.22
CA ILE A 298 16.87 -1.05 23.46
C ILE A 298 18.08 -0.72 24.38
N GLN A 299 17.85 0.05 25.44
CA GLN A 299 18.90 0.41 26.38
C GLN A 299 19.28 -0.73 27.34
N GLN A 300 18.31 -1.56 27.73
CA GLN A 300 18.60 -2.79 28.42
C GLN A 300 19.30 -3.77 27.49
N HIS A 301 18.86 -3.85 26.24
CA HIS A 301 19.51 -4.69 25.24
C HIS A 301 21.01 -4.33 25.07
N TRP A 302 21.29 -3.03 24.94
CA TRP A 302 22.66 -2.52 24.90
C TRP A 302 23.47 -3.02 26.09
N THR A 303 22.92 -2.84 27.28
CA THR A 303 23.60 -3.16 28.53
C THR A 303 23.84 -4.66 28.70
N ASP A 304 22.86 -5.48 28.34
CA ASP A 304 23.02 -6.95 28.35
C ASP A 304 24.14 -7.38 27.40
N ARG A 305 24.09 -6.85 26.19
CA ARG A 305 25.08 -7.19 25.14
C ARG A 305 26.50 -6.69 25.41
N LEU A 306 26.62 -5.56 26.10
CA LEU A 306 27.92 -5.01 26.47
C LEU A 306 28.57 -5.88 27.55
N SER A 307 27.77 -6.33 28.51
CA SER A 307 28.20 -7.27 29.56
C SER A 307 28.60 -8.64 29.03
N SER A 308 27.89 -9.14 28.00
CA SER A 308 28.18 -10.45 27.39
C SER A 308 29.12 -10.39 26.16
N GLY A 309 29.52 -9.20 25.73
CA GLY A 309 30.42 -9.04 24.58
C GLY A 309 29.85 -9.42 23.21
N GLY A 310 28.52 -9.50 23.10
CA GLY A 310 27.85 -9.84 21.82
C GLY A 310 27.43 -8.60 21.04
N GLU A 311 27.13 -8.77 19.76
CA GLU A 311 26.74 -7.65 18.88
C GLU A 311 25.26 -7.27 19.10
N THR A 312 24.97 -5.98 18.98
CA THR A 312 23.59 -5.49 19.11
C THR A 312 22.80 -5.75 17.82
N SER A 313 21.49 -5.62 17.96
CA SER A 313 20.52 -5.90 16.91
C SER A 313 20.55 -4.80 15.86
N THR A 314 20.50 -3.54 16.31
CA THR A 314 20.67 -2.37 15.43
C THR A 314 22.08 -1.82 15.57
N SER A 315 23.08 -2.68 15.33
CA SER A 315 24.48 -2.27 15.33
C SER A 315 24.73 -1.29 14.20
N GLY A 316 25.79 -0.50 14.33
CA GLY A 316 26.20 0.41 13.29
C GLY A 316 26.32 -0.30 11.95
N ALA A 317 26.88 -1.51 11.99
CA ALA A 317 27.02 -2.35 10.79
C ALA A 317 25.68 -2.72 10.18
N ASP A 318 24.76 -3.21 11.01
CA ASP A 318 23.40 -3.56 10.58
C ASP A 318 22.63 -2.33 10.07
N ASN A 319 22.75 -1.22 10.80
CA ASN A 319 22.05 0.02 10.48
C ASN A 319 22.39 0.60 9.10
N LEU A 320 23.59 0.29 8.58
CA LEU A 320 23.94 0.65 7.19
C LEU A 320 22.92 0.16 6.18
N LYS A 321 22.40 -1.05 6.39
CA LYS A 321 21.42 -1.64 5.47
C LYS A 321 20.04 -0.98 5.57
N THR A 322 19.73 -0.39 6.72
CA THR A 322 18.56 0.46 6.87
C THR A 322 18.81 1.82 6.20
N PHE A 323 19.95 2.44 6.52
CA PHE A 323 20.26 3.78 6.01
C PHE A 323 20.41 3.80 4.49
N ALA A 324 20.95 2.73 3.92
CA ALA A 324 20.98 2.57 2.45
C ALA A 324 19.60 2.79 1.80
N LEU A 325 18.55 2.26 2.44
CA LEU A 325 17.19 2.37 1.92
C LEU A 325 16.67 3.80 1.98
N VAL A 326 17.03 4.53 3.03
CA VAL A 326 16.66 5.94 3.17
C VAL A 326 17.28 6.76 2.03
N GLU A 327 18.58 6.60 1.84
CA GLU A 327 19.31 7.34 0.80
C GLU A 327 18.81 6.94 -0.60
N ALA A 328 18.57 5.64 -0.80
CA ALA A 328 18.04 5.13 -2.07
C ALA A 328 16.64 5.66 -2.38
N ALA A 329 15.81 5.82 -1.35
CA ALA A 329 14.45 6.34 -1.54
C ALA A 329 14.45 7.78 -2.02
N TYR A 330 15.31 8.61 -1.42
CA TYR A 330 15.50 9.99 -1.92
C TYR A 330 15.98 10.02 -3.37
N GLU A 331 16.99 9.21 -3.68
CA GLU A 331 17.50 9.07 -5.04
C GLU A 331 16.36 8.69 -6.00
N SER A 332 15.63 7.64 -5.67
CA SER A 332 14.50 7.15 -6.49
C SER A 332 13.36 8.18 -6.65
N ALA A 333 13.08 8.93 -5.59
CA ALA A 333 12.02 9.94 -5.63
C ALA A 333 12.30 11.06 -6.63
N ALA A 334 13.57 11.46 -6.75
CA ALA A 334 13.98 12.47 -7.73
C ALA A 334 14.04 11.93 -9.17
N ASN A 335 14.46 10.67 -9.33
CA ASN A 335 14.65 10.03 -10.65
C ASN A 335 13.36 9.45 -11.24
N GLY A 336 12.47 8.95 -10.38
CA GLY A 336 11.35 8.10 -10.80
C GLY A 336 11.77 6.67 -11.12
N ARG A 337 13.00 6.31 -10.75
CA ARG A 337 13.64 5.07 -11.18
C ARG A 337 13.94 4.15 -9.99
N THR A 338 13.87 2.84 -10.25
CA THR A 338 14.23 1.82 -9.26
C THR A 338 15.74 1.89 -8.95
N VAL A 339 16.10 1.67 -7.68
CA VAL A 339 17.48 1.79 -7.22
C VAL A 339 17.97 0.46 -6.63
N ASP A 340 19.09 -0.01 -7.16
CA ASP A 340 19.77 -1.21 -6.67
C ASP A 340 20.41 -0.92 -5.31
N ILE A 341 20.01 -1.67 -4.28
CA ILE A 341 20.53 -1.49 -2.93
C ILE A 341 21.89 -2.16 -2.78
N GLY A 342 22.06 -3.33 -3.42
CA GLY A 342 23.33 -4.06 -3.42
C GLY A 342 24.54 -3.25 -3.86
N ALA A 343 24.36 -2.42 -4.90
CA ALA A 343 25.44 -1.57 -5.43
C ALA A 343 25.92 -0.47 -4.46
N MET A 344 25.07 -0.06 -3.52
CA MET A 344 25.37 1.03 -2.58
C MET A 344 26.22 0.61 -1.38
N LEU A 345 26.18 -0.68 -1.03
CA LEU A 345 26.89 -1.21 0.14
C LEU A 345 28.20 -1.87 -0.30
N THR B 4 -40.71 1.01 -29.33
CA THR B 4 -40.26 2.07 -28.37
C THR B 4 -39.08 1.58 -27.53
N GLU B 5 -39.20 0.36 -26.98
CA GLU B 5 -38.16 -0.27 -26.16
C GLU B 5 -37.04 -0.87 -27.03
N LEU B 6 -35.78 -0.68 -26.63
CA LEU B 6 -34.63 -1.17 -27.39
C LEU B 6 -34.55 -2.70 -27.40
N LYS B 7 -34.23 -3.26 -28.57
CA LYS B 7 -34.14 -4.71 -28.77
C LYS B 7 -32.67 -5.12 -28.83
N GLY B 8 -32.23 -5.94 -27.86
CA GLY B 8 -30.84 -6.35 -27.75
C GLY B 8 -30.60 -7.81 -28.16
N ALA B 9 -29.39 -8.09 -28.65
CA ALA B 9 -28.93 -9.45 -28.84
C ALA B 9 -27.76 -9.69 -27.89
N LEU B 10 -27.75 -10.83 -27.21
CA LEU B 10 -26.63 -11.19 -26.32
C LEU B 10 -25.86 -12.35 -26.92
N ILE B 11 -24.56 -12.15 -27.16
CA ILE B 11 -23.67 -13.18 -27.70
C ILE B 11 -22.74 -13.65 -26.58
N GLY B 12 -22.86 -14.93 -26.21
CA GLY B 12 -22.05 -15.54 -25.15
C GLY B 12 -22.85 -15.81 -23.90
N CYS B 13 -23.60 -16.91 -23.92
CA CYS B 13 -24.52 -17.29 -22.85
C CYS B 13 -23.84 -18.10 -21.74
N GLY B 14 -22.75 -17.55 -21.21
CA GLY B 14 -21.95 -18.24 -20.20
C GLY B 14 -22.38 -18.01 -18.77
N PHE B 15 -21.46 -18.31 -17.86
CA PHE B 15 -21.64 -18.15 -16.41
C PHE B 15 -22.12 -16.73 -16.05
N PHE B 16 -21.37 -15.71 -16.49
CA PHE B 16 -21.67 -14.33 -16.10
C PHE B 16 -22.81 -13.69 -16.89
N ALA B 17 -23.04 -14.17 -18.11
CA ALA B 17 -24.18 -13.70 -18.92
C ALA B 17 -25.54 -13.85 -18.21
N VAL B 18 -25.65 -14.81 -17.30
CA VAL B 18 -26.88 -15.03 -16.54
C VAL B 18 -27.21 -13.74 -15.79
N ASN B 19 -26.21 -13.15 -15.12
CA ASN B 19 -26.37 -11.86 -14.42
C ASN B 19 -26.84 -10.76 -15.37
N GLN B 20 -26.24 -10.71 -16.56
CA GLN B 20 -26.57 -9.67 -17.55
C GLN B 20 -28.00 -9.81 -18.08
N MET B 21 -28.47 -11.05 -18.29
CA MET B 21 -29.85 -11.32 -18.75
C MET B 21 -30.90 -10.94 -17.70
N HIS B 22 -30.66 -11.32 -16.45
CA HIS B 22 -31.47 -10.88 -15.30
C HIS B 22 -31.58 -9.35 -15.29
N ALA B 23 -30.43 -8.69 -15.39
CA ALA B 23 -30.37 -7.23 -15.34
C ALA B 23 -31.03 -6.58 -16.55
N TRP B 24 -30.91 -7.21 -17.72
CA TRP B 24 -31.60 -6.69 -18.92
C TRP B 24 -33.11 -6.61 -18.72
N LYS B 25 -33.70 -7.59 -18.02
CA LYS B 25 -35.12 -7.55 -17.66
C LYS B 25 -35.41 -6.30 -16.84
N ASP B 26 -34.65 -6.11 -15.77
CA ASP B 26 -34.80 -4.94 -14.89
C ASP B 26 -34.59 -3.60 -15.60
N VAL B 27 -33.69 -3.55 -16.59
CA VAL B 27 -33.42 -2.30 -17.31
C VAL B 27 -34.70 -1.77 -17.97
N LYS B 28 -35.07 -0.54 -17.63
CA LYS B 28 -36.18 0.16 -18.27
C LYS B 28 -35.66 0.80 -19.56
N GLY B 29 -36.37 0.56 -20.65
CA GLY B 29 -36.02 1.11 -21.95
C GLY B 29 -35.26 0.16 -22.86
N ALA B 30 -34.99 -1.07 -22.40
CA ALA B 30 -34.28 -2.08 -23.20
C ALA B 30 -34.65 -3.51 -22.78
N GLY B 31 -34.45 -4.46 -23.70
CA GLY B 31 -34.68 -5.89 -23.44
C GLY B 31 -33.94 -6.76 -24.47
N ILE B 32 -33.73 -8.02 -24.12
CA ILE B 32 -33.02 -8.97 -24.99
C ILE B 32 -34.01 -9.73 -25.86
N ALA B 33 -33.94 -9.49 -27.17
CA ALA B 33 -34.80 -10.13 -28.17
C ALA B 33 -34.21 -11.38 -28.83
N ALA B 34 -32.89 -11.57 -28.70
CA ALA B 34 -32.20 -12.73 -29.27
C ALA B 34 -30.92 -13.07 -28.52
N ILE B 35 -30.57 -14.35 -28.50
CA ILE B 35 -29.33 -14.81 -27.87
C ILE B 35 -28.52 -15.71 -28.80
N CYS B 36 -27.24 -15.86 -28.49
CA CYS B 36 -26.31 -16.60 -29.31
C CYS B 36 -25.23 -17.24 -28.47
N ASP B 37 -25.01 -18.53 -28.68
CA ASP B 37 -23.91 -19.23 -28.06
C ASP B 37 -23.47 -20.41 -28.94
N ARG B 38 -22.17 -20.62 -28.94
CA ARG B 38 -21.51 -21.66 -29.71
C ARG B 38 -21.86 -23.05 -29.14
N ASP B 39 -22.11 -23.09 -27.83
CA ASP B 39 -22.43 -24.32 -27.08
C ASP B 39 -23.95 -24.44 -26.99
N PRO B 40 -24.56 -25.43 -27.69
CA PRO B 40 -26.03 -25.54 -27.65
C PRO B 40 -26.64 -25.87 -26.27
N LYS B 41 -25.91 -26.56 -25.40
CA LYS B 41 -26.36 -26.83 -24.03
C LYS B 41 -26.61 -25.53 -23.25
N ARG B 42 -25.66 -24.60 -23.34
CA ARG B 42 -25.76 -23.27 -22.73
C ARG B 42 -26.80 -22.40 -23.43
N LEU B 43 -26.85 -22.48 -24.77
CA LEU B 43 -27.86 -21.74 -25.55
C LEU B 43 -29.28 -22.11 -25.11
N LYS B 44 -29.52 -23.40 -24.83
CA LYS B 44 -30.82 -23.86 -24.36
C LYS B 44 -31.10 -23.42 -22.94
N LEU B 45 -30.11 -23.60 -22.05
CA LEU B 45 -30.25 -23.27 -20.62
C LEU B 45 -30.64 -21.80 -20.41
N VAL B 46 -29.91 -20.88 -21.03
CA VAL B 46 -30.17 -19.44 -20.92
C VAL B 46 -31.46 -19.06 -21.67
N GLY B 47 -31.68 -19.66 -22.83
CA GLY B 47 -32.91 -19.43 -23.60
C GLY B 47 -34.19 -19.81 -22.85
N ASP B 48 -34.16 -20.98 -22.18
CA ASP B 48 -35.30 -21.47 -21.42
C ASP B 48 -35.51 -20.67 -20.13
N GLN B 49 -34.42 -20.39 -19.41
CA GLN B 49 -34.48 -19.61 -18.16
C GLN B 49 -35.09 -18.22 -18.35
N PHE B 50 -34.77 -17.56 -19.47
CA PHE B 50 -35.23 -16.19 -19.75
C PHE B 50 -36.28 -16.04 -20.85
N GLY B 51 -36.70 -17.15 -21.46
CA GLY B 51 -37.81 -17.14 -22.43
C GLY B 51 -37.54 -16.35 -23.70
N ILE B 52 -36.36 -16.59 -24.29
CA ILE B 52 -35.96 -15.93 -25.54
C ILE B 52 -36.27 -16.86 -26.73
N GLU B 53 -37.10 -16.40 -27.67
CA GLU B 53 -37.50 -17.19 -28.83
C GLU B 53 -36.33 -17.35 -29.83
N ARG B 54 -35.72 -16.22 -30.20
CA ARG B 54 -34.66 -16.19 -31.21
C ARG B 54 -33.31 -16.70 -30.67
N ARG B 55 -32.86 -17.84 -31.17
CA ARG B 55 -31.66 -18.53 -30.69
C ARG B 55 -30.75 -18.91 -31.85
N TYR B 56 -29.46 -18.62 -31.70
CA TYR B 56 -28.49 -18.82 -32.76
C TYR B 56 -27.26 -19.60 -32.27
N GLY B 57 -26.78 -20.52 -33.09
CA GLY B 57 -25.54 -21.25 -32.83
C GLY B 57 -24.27 -20.51 -33.21
N ASP B 58 -24.40 -19.41 -33.98
CA ASP B 58 -23.26 -18.61 -34.42
C ASP B 58 -23.65 -17.16 -34.68
N ALA B 59 -22.73 -16.25 -34.40
CA ALA B 59 -22.99 -14.80 -34.48
C ALA B 59 -23.22 -14.31 -35.91
N ALA B 60 -22.48 -14.87 -36.87
CA ALA B 60 -22.66 -14.53 -38.28
C ALA B 60 -24.13 -14.62 -38.70
N ALA B 61 -24.77 -15.74 -38.34
CA ALA B 61 -26.19 -15.97 -38.65
C ALA B 61 -27.10 -15.01 -37.88
N LEU B 62 -26.76 -14.72 -36.62
CA LEU B 62 -27.46 -13.72 -35.80
C LEU B 62 -27.46 -12.33 -36.47
N PHE B 63 -26.27 -11.85 -36.83
CA PHE B 63 -26.11 -10.55 -37.51
C PHE B 63 -26.76 -10.53 -38.90
N ALA B 64 -26.79 -11.69 -39.57
CA ALA B 64 -27.43 -11.79 -40.89
C ALA B 64 -28.92 -11.46 -40.82
N ASP B 65 -29.63 -12.08 -39.87
CA ASP B 65 -31.08 -11.85 -39.69
C ASP B 65 -31.38 -10.46 -39.10
N GLY B 66 -30.50 -9.98 -38.22
CA GLY B 66 -30.59 -8.63 -37.70
C GLY B 66 -31.79 -8.43 -36.79
N GLY B 67 -32.40 -7.25 -36.89
CA GLY B 67 -33.59 -6.92 -36.11
C GLY B 67 -33.34 -6.55 -34.67
N PHE B 68 -32.10 -6.11 -34.36
CA PHE B 68 -31.76 -5.61 -33.02
C PHE B 68 -30.97 -4.29 -33.10
N ASP B 69 -31.08 -3.49 -32.03
CA ASP B 69 -30.55 -2.13 -31.97
C ASP B 69 -29.16 -2.06 -31.32
N PHE B 70 -28.86 -3.01 -30.44
CA PHE B 70 -27.53 -3.16 -29.87
C PHE B 70 -27.17 -4.62 -29.67
N VAL B 71 -25.89 -4.88 -29.43
CA VAL B 71 -25.41 -6.22 -29.14
C VAL B 71 -24.60 -6.21 -27.83
N ASP B 72 -24.78 -7.27 -27.04
CA ASP B 72 -24.12 -7.41 -25.76
C ASP B 72 -23.18 -8.62 -25.84
N ILE B 73 -21.87 -8.35 -25.89
CA ILE B 73 -20.87 -9.39 -26.09
C ILE B 73 -20.32 -9.84 -24.74
N ALA B 74 -20.75 -11.03 -24.31
CA ALA B 74 -20.37 -11.60 -23.02
C ALA B 74 -19.53 -12.86 -23.17
N THR B 75 -18.84 -13.02 -24.29
CA THR B 75 -17.93 -14.15 -24.49
C THR B 75 -16.60 -13.88 -23.81
N THR B 76 -15.76 -14.92 -23.79
CA THR B 76 -14.36 -14.79 -23.39
C THR B 76 -13.61 -13.93 -24.40
N VAL B 77 -12.43 -13.44 -24.01
CA VAL B 77 -11.63 -12.48 -24.81
C VAL B 77 -11.25 -12.95 -26.23
N GLN B 78 -11.14 -14.26 -26.43
CA GLN B 78 -10.73 -14.83 -27.73
C GLN B 78 -11.53 -14.27 -28.92
N SER B 79 -12.84 -14.13 -28.74
CA SER B 79 -13.74 -13.75 -29.85
C SER B 79 -14.19 -12.28 -29.83
N HIS B 80 -13.63 -11.46 -28.94
CA HIS B 80 -14.05 -10.06 -28.80
C HIS B 80 -13.77 -9.22 -30.04
N ARG B 81 -12.55 -9.32 -30.58
CA ARG B 81 -12.19 -8.53 -31.76
C ARG B 81 -13.14 -8.80 -32.93
N ALA B 82 -13.35 -10.08 -33.24
CA ALA B 82 -14.20 -10.48 -34.38
C ALA B 82 -15.62 -9.98 -34.21
N LEU B 83 -16.21 -10.22 -33.03
CA LEU B 83 -17.60 -9.86 -32.78
C LEU B 83 -17.81 -8.35 -32.81
N VAL B 84 -16.89 -7.59 -32.22
CA VAL B 84 -16.94 -6.12 -32.29
C VAL B 84 -16.80 -5.62 -33.74
N GLU B 85 -15.95 -6.27 -34.53
CA GLU B 85 -15.83 -5.96 -35.96
C GLU B 85 -17.11 -6.29 -36.76
N MET B 86 -17.80 -7.38 -36.40
CA MET B 86 -19.10 -7.74 -36.98
C MET B 86 -20.18 -6.71 -36.60
N ALA B 87 -20.18 -6.29 -35.34
CA ALA B 87 -21.09 -5.25 -34.88
C ALA B 87 -20.90 -3.96 -35.69
N ALA B 88 -19.64 -3.52 -35.81
CA ALA B 88 -19.31 -2.29 -36.56
C ALA B 88 -19.68 -2.36 -38.04
N ALA B 89 -19.45 -3.51 -38.66
CA ALA B 89 -19.78 -3.72 -40.07
C ALA B 89 -21.29 -3.68 -40.35
N HIS B 90 -22.09 -4.07 -39.36
CA HIS B 90 -23.56 -4.06 -39.46
C HIS B 90 -24.21 -2.82 -38.80
N LYS B 91 -23.41 -1.79 -38.47
CA LYS B 91 -23.90 -0.55 -37.83
C LYS B 91 -24.70 -0.78 -36.55
N VAL B 92 -24.30 -1.79 -35.76
CA VAL B 92 -24.97 -2.13 -34.51
C VAL B 92 -24.11 -1.67 -33.33
N PRO B 93 -24.64 -0.77 -32.46
CA PRO B 93 -23.99 -0.42 -31.20
C PRO B 93 -23.64 -1.65 -30.35
N ALA B 94 -22.50 -1.59 -29.67
CA ALA B 94 -21.90 -2.79 -29.07
C ALA B 94 -21.40 -2.58 -27.64
N ILE B 95 -21.78 -3.51 -26.76
CA ILE B 95 -21.16 -3.65 -25.45
C ILE B 95 -20.25 -4.86 -25.53
N CYS B 96 -19.05 -4.73 -24.95
CA CYS B 96 -18.08 -5.82 -24.92
C CYS B 96 -17.52 -6.04 -23.52
N GLN B 97 -17.61 -7.28 -23.04
CA GLN B 97 -17.06 -7.66 -21.75
C GLN B 97 -15.53 -7.43 -21.63
N LYS B 98 -15.07 -7.43 -20.40
CA LYS B 98 -13.64 -7.35 -20.08
C LYS B 98 -13.13 -8.79 -20.00
N PRO B 99 -11.83 -9.03 -20.26
CA PRO B 99 -10.89 -8.03 -20.82
C PRO B 99 -11.27 -7.69 -22.26
N PHE B 100 -11.05 -6.44 -22.64
CA PHE B 100 -11.59 -5.90 -23.88
C PHE B 100 -11.00 -6.62 -25.10
N ALA B 101 -9.68 -6.66 -25.15
CA ALA B 101 -8.93 -7.35 -26.20
C ALA B 101 -7.76 -8.09 -25.59
N LYS B 102 -7.11 -8.93 -26.40
CA LYS B 102 -5.93 -9.68 -25.99
C LYS B 102 -4.72 -8.75 -25.74
N SER B 103 -4.68 -7.61 -26.43
CA SER B 103 -3.59 -6.64 -26.31
C SER B 103 -4.10 -5.23 -26.58
N LEU B 104 -3.26 -4.25 -26.24
CA LEU B 104 -3.60 -2.84 -26.43
C LEU B 104 -3.76 -2.54 -27.92
N SER B 105 -2.85 -3.08 -28.73
CA SER B 105 -2.95 -3.02 -30.20
C SER B 105 -4.32 -3.45 -30.74
N ASP B 106 -4.76 -4.66 -30.36
CA ASP B 106 -6.10 -5.15 -30.73
C ASP B 106 -7.21 -4.19 -30.29
N ALA B 107 -7.11 -3.66 -29.08
CA ALA B 107 -8.11 -2.76 -28.53
C ALA B 107 -8.19 -1.44 -29.30
N LYS B 108 -7.04 -0.88 -29.66
CA LYS B 108 -7.00 0.36 -30.47
C LYS B 108 -7.68 0.17 -31.83
N ALA B 109 -7.35 -0.92 -32.52
CA ALA B 109 -7.98 -1.23 -33.80
C ALA B 109 -9.49 -1.43 -33.67
N MET B 110 -9.92 -2.13 -32.62
CA MET B 110 -11.36 -2.31 -32.33
C MET B 110 -12.08 -0.98 -32.07
N VAL B 111 -11.42 -0.07 -31.36
CA VAL B 111 -11.95 1.28 -31.12
C VAL B 111 -12.05 2.08 -32.41
N ARG B 112 -10.99 2.04 -33.22
CA ARG B 112 -10.95 2.76 -34.49
C ARG B 112 -12.10 2.34 -35.41
N THR B 113 -12.24 1.02 -35.59
CA THR B 113 -13.32 0.46 -36.42
C THR B 113 -14.71 0.93 -36.00
N CYS B 114 -14.96 1.03 -34.69
CA CYS B 114 -16.24 1.55 -34.19
C CYS B 114 -16.42 3.06 -34.40
N GLU B 115 -15.35 3.84 -34.24
CA GLU B 115 -15.38 5.30 -34.55
C GLU B 115 -15.58 5.61 -36.04
N ASN B 116 -14.91 4.85 -36.92
CA ASN B 116 -15.09 4.98 -38.38
C ASN B 116 -16.49 4.54 -38.83
N ALA B 117 -17.05 3.52 -38.17
CA ALA B 117 -18.42 3.05 -38.43
C ALA B 117 -19.51 3.88 -37.72
N ASP B 118 -19.09 4.85 -36.91
CA ASP B 118 -20.00 5.82 -36.24
C ASP B 118 -20.99 5.14 -35.29
N ILE B 119 -20.53 4.11 -34.58
CA ILE B 119 -21.35 3.38 -33.60
C ILE B 119 -20.76 3.44 -32.19
N PRO B 120 -21.63 3.58 -31.16
CA PRO B 120 -21.12 3.53 -29.78
C PRO B 120 -20.53 2.17 -29.40
N LEU B 121 -19.51 2.21 -28.54
CA LEU B 121 -18.83 1.03 -28.03
C LEU B 121 -18.55 1.22 -26.55
N MET B 122 -19.10 0.34 -25.71
CA MET B 122 -18.88 0.38 -24.27
C MET B 122 -18.23 -0.92 -23.85
N VAL B 123 -17.18 -0.82 -23.02
CA VAL B 123 -16.63 -1.98 -22.35
C VAL B 123 -17.45 -2.18 -21.09
N HIS B 124 -18.00 -3.39 -20.90
CA HIS B 124 -18.69 -3.75 -19.65
C HIS B 124 -17.64 -3.84 -18.55
N GLU B 125 -17.37 -2.68 -17.94
CA GLU B 125 -16.41 -2.55 -16.85
C GLU B 125 -17.19 -2.01 -15.66
N ASN B 126 -17.67 -2.94 -14.81
CA ASN B 126 -18.74 -2.64 -13.84
C ASN B 126 -18.30 -2.35 -12.39
N PHE B 127 -17.03 -2.59 -12.05
CA PHE B 127 -16.54 -2.29 -10.70
C PHE B 127 -16.69 -0.81 -10.29
N ARG B 128 -16.40 0.12 -11.19
CA ARG B 128 -16.63 1.55 -10.91
C ARG B 128 -18.10 1.92 -10.72
N TRP B 129 -18.99 1.07 -11.24
CA TRP B 129 -20.45 1.25 -11.07
C TRP B 129 -21.04 0.62 -9.80
N GLN B 130 -20.21 0.01 -8.96
CA GLN B 130 -20.66 -0.53 -7.68
C GLN B 130 -21.05 0.62 -6.77
N THR B 131 -22.11 0.41 -5.98
CA THR B 131 -22.61 1.45 -5.07
C THR B 131 -21.54 2.05 -4.13
N PRO B 132 -20.75 1.20 -3.44
CA PRO B 132 -19.72 1.74 -2.56
C PRO B 132 -18.64 2.58 -3.27
N ILE B 133 -18.28 2.16 -4.47
CA ILE B 133 -17.23 2.82 -5.25
C ILE B 133 -17.75 4.17 -5.76
N GLN B 134 -18.98 4.16 -6.27
CA GLN B 134 -19.72 5.38 -6.61
C GLN B 134 -19.79 6.36 -5.45
N ALA B 135 -20.01 5.86 -4.24
CA ALA B 135 -20.13 6.71 -3.05
C ALA B 135 -18.80 7.37 -2.67
N VAL B 136 -17.69 6.65 -2.90
CA VAL B 136 -16.36 7.23 -2.72
C VAL B 136 -16.13 8.36 -3.73
N LYS B 137 -16.48 8.11 -5.00
CA LYS B 137 -16.39 9.14 -6.04
C LYS B 137 -17.19 10.39 -5.65
N ALA B 138 -18.43 10.19 -5.21
CA ALA B 138 -19.29 11.32 -4.81
C ALA B 138 -18.66 12.17 -3.70
N VAL B 139 -18.04 11.53 -2.71
CA VAL B 139 -17.44 12.24 -1.57
C VAL B 139 -16.23 13.07 -2.03
N LEU B 140 -15.35 12.46 -2.82
CA LEU B 140 -14.17 13.15 -3.31
C LEU B 140 -14.53 14.32 -4.23
N GLU B 141 -15.44 14.08 -5.16
CA GLU B 141 -15.92 15.13 -6.10
C GLU B 141 -16.50 16.35 -5.38
N SER B 142 -17.16 16.14 -4.24
CA SER B 142 -17.79 17.23 -3.48
C SER B 142 -16.83 18.22 -2.77
N GLY B 143 -15.52 17.93 -2.79
CA GLY B 143 -14.52 18.75 -2.12
C GLY B 143 -14.47 18.59 -0.61
N ALA B 144 -15.05 17.50 -0.09
CA ALA B 144 -15.17 17.29 1.37
C ALA B 144 -13.82 17.12 2.04
N ILE B 145 -12.89 16.46 1.35
CA ILE B 145 -11.53 16.25 1.86
C ILE B 145 -10.43 17.05 1.14
N GLY B 146 -10.83 18.02 0.31
CA GLY B 146 -9.88 18.84 -0.46
C GLY B 146 -9.33 18.09 -1.65
N GLU B 147 -8.11 18.45 -2.07
CA GLU B 147 -7.48 17.83 -3.25
C GLU B 147 -6.83 16.52 -2.83
N PRO B 148 -7.15 15.41 -3.54
CA PRO B 148 -6.53 14.14 -3.20
C PRO B 148 -5.03 14.11 -3.53
N PHE B 149 -4.22 13.53 -2.65
CA PHE B 149 -2.78 13.37 -2.88
C PHE B 149 -2.24 11.95 -2.76
N TRP B 150 -3.00 11.03 -2.16
CA TRP B 150 -2.60 9.65 -2.01
C TRP B 150 -3.82 8.72 -1.98
N GLY B 151 -3.67 7.51 -2.53
CA GLY B 151 -4.74 6.51 -2.51
C GLY B 151 -4.24 5.09 -2.38
N ARG B 152 -5.07 4.22 -1.79
CA ARG B 152 -4.86 2.78 -1.84
C ARG B 152 -6.13 2.13 -2.33
N PHE B 153 -5.98 1.21 -3.28
CA PHE B 153 -7.08 0.45 -3.86
C PHE B 153 -6.70 -1.01 -3.71
N SER B 154 -7.39 -1.72 -2.81
CA SER B 154 -6.96 -3.04 -2.36
C SER B 154 -8.06 -4.10 -2.53
N PHE B 155 -7.67 -5.26 -3.02
CA PHE B 155 -8.53 -6.41 -3.18
C PHE B 155 -7.67 -7.63 -2.82
N ARG B 156 -7.74 -8.05 -1.56
CA ARG B 156 -6.98 -9.19 -1.06
C ARG B 156 -7.95 -10.26 -0.57
N SER B 157 -7.98 -11.40 -1.28
CA SER B 157 -8.96 -12.45 -1.09
C SER B 157 -8.30 -13.83 -1.11
N GLY B 158 -9.01 -14.82 -0.57
CA GLY B 158 -8.64 -16.23 -0.69
C GLY B 158 -9.77 -17.07 -1.25
N PHE B 159 -10.68 -16.42 -1.98
CA PHE B 159 -11.91 -17.06 -2.45
C PHE B 159 -11.62 -17.90 -3.68
N ASP B 160 -12.28 -19.06 -3.77
CA ASP B 160 -12.16 -19.95 -4.93
C ASP B 160 -12.98 -19.39 -6.10
N VAL B 161 -12.35 -18.53 -6.90
CA VAL B 161 -12.91 -18.05 -8.16
C VAL B 161 -12.76 -19.07 -9.31
N PHE B 162 -11.91 -20.09 -9.11
CA PHE B 162 -11.51 -21.02 -10.18
C PHE B 162 -12.61 -22.03 -10.55
N SER B 163 -13.47 -22.38 -9.59
CA SER B 163 -14.58 -23.32 -9.86
C SER B 163 -15.54 -22.74 -10.89
N GLY B 164 -16.04 -21.54 -10.63
CA GLY B 164 -16.95 -20.84 -11.55
C GLY B 164 -16.34 -20.38 -12.85
N GLN B 165 -15.02 -20.12 -12.84
CA GLN B 165 -14.28 -19.60 -14.00
C GLN B 165 -12.95 -20.36 -14.17
N PRO B 166 -13.01 -21.63 -14.66
CA PRO B 166 -11.81 -22.51 -14.74
C PRO B 166 -10.65 -22.05 -15.66
N TYR B 167 -10.94 -21.20 -16.64
CA TYR B 167 -9.91 -20.57 -17.49
C TYR B 167 -8.92 -19.68 -16.73
N LEU B 168 -9.33 -19.16 -15.57
CA LEU B 168 -8.46 -18.31 -14.73
C LEU B 168 -7.22 -19.04 -14.20
N ALA B 169 -7.36 -20.33 -13.88
CA ALA B 169 -6.23 -21.15 -13.43
C ALA B 169 -5.29 -21.60 -14.57
N GLU B 170 -5.61 -21.23 -15.82
CA GLU B 170 -5.04 -21.86 -17.02
C GLU B 170 -3.81 -21.12 -17.56
N GLY B 171 -3.97 -19.83 -17.89
CA GLY B 171 -2.95 -19.06 -18.60
C GLY B 171 -1.70 -18.71 -17.80
N GLU B 172 -0.72 -18.11 -18.50
CA GLU B 172 0.46 -17.54 -17.84
C GLU B 172 0.10 -16.22 -17.14
N ARG B 173 -0.90 -15.51 -17.67
CA ARG B 173 -1.46 -14.30 -17.04
C ARG B 173 -2.77 -14.60 -16.30
N PHE B 174 -2.92 -14.01 -15.11
CA PHE B 174 -4.12 -14.18 -14.29
C PHE B 174 -4.60 -12.89 -13.61
N ILE B 175 -4.10 -12.56 -12.42
CA ILE B 175 -4.82 -11.61 -11.56
C ILE B 175 -4.93 -10.20 -12.11
N ILE B 176 -3.90 -9.69 -12.78
CA ILE B 176 -3.95 -8.32 -13.31
C ILE B 176 -4.95 -8.25 -14.48
N GLU B 177 -4.89 -9.25 -15.36
CA GLU B 177 -5.80 -9.35 -16.52
C GLU B 177 -7.25 -9.61 -16.10
N ASP B 178 -7.44 -10.51 -15.14
CA ASP B 178 -8.79 -10.88 -14.68
C ASP B 178 -9.37 -9.83 -13.72
N LEU B 179 -8.69 -9.57 -12.61
CA LEU B 179 -9.19 -8.72 -11.53
C LEU B 179 -8.57 -7.31 -11.47
N GLY B 180 -7.25 -7.25 -11.46
CA GLY B 180 -6.51 -5.98 -11.35
C GLY B 180 -6.89 -4.94 -12.39
N ILE B 181 -7.34 -5.41 -13.56
CA ILE B 181 -7.98 -4.55 -14.56
C ILE B 181 -9.11 -3.71 -13.96
N HIS B 182 -9.92 -4.30 -13.07
CA HIS B 182 -10.97 -3.57 -12.35
C HIS B 182 -10.39 -2.55 -11.35
N THR B 183 -9.44 -3.01 -10.54
CA THR B 183 -8.80 -2.17 -9.53
C THR B 183 -8.08 -0.95 -10.14
N LEU B 184 -7.44 -1.16 -11.29
CA LEU B 184 -6.81 -0.07 -12.06
C LEU B 184 -7.82 0.90 -12.65
N ASP B 185 -8.94 0.36 -13.15
CA ASP B 185 -10.04 1.20 -13.62
C ASP B 185 -10.59 2.08 -12.50
N ILE B 186 -10.72 1.50 -11.30
CA ILE B 186 -11.19 2.24 -10.12
C ILE B 186 -10.17 3.32 -9.75
N ALA B 187 -8.89 2.98 -9.76
CA ALA B 187 -7.83 3.94 -9.47
C ALA B 187 -7.90 5.14 -10.42
N ARG B 188 -8.09 4.85 -11.71
CA ARG B 188 -8.31 5.88 -12.74
C ARG B 188 -9.57 6.69 -12.48
N PHE B 189 -10.67 6.00 -12.22
CA PHE B 189 -11.97 6.62 -11.97
C PHE B 189 -11.94 7.64 -10.83
N ILE B 190 -11.28 7.28 -9.74
CA ILE B 190 -11.24 8.10 -8.53
C ILE B 190 -10.18 9.21 -8.61
N LEU B 191 -8.96 8.85 -9.01
CA LEU B 191 -7.80 9.77 -8.96
C LEU B 191 -7.30 10.30 -10.31
N GLY B 192 -7.98 9.94 -11.41
CA GLY B 192 -7.63 10.44 -12.73
C GLY B 192 -6.60 9.57 -13.44
N ASP B 193 -6.32 9.93 -14.69
CA ASP B 193 -5.40 9.16 -15.54
C ASP B 193 -3.97 9.14 -15.01
N VAL B 194 -3.23 8.12 -15.44
CA VAL B 194 -1.92 7.77 -14.90
C VAL B 194 -0.81 8.13 -15.88
N ALA B 195 0.25 8.75 -15.37
CA ALA B 195 1.41 9.15 -16.17
C ALA B 195 2.42 8.00 -16.26
N THR B 196 2.86 7.54 -15.09
CA THR B 196 3.81 6.43 -14.98
C THR B 196 3.30 5.36 -13.99
N LEU B 197 3.86 4.16 -14.13
CA LEU B 197 3.41 2.97 -13.41
C LEU B 197 4.57 1.99 -13.19
N THR B 198 4.67 1.42 -11.98
CA THR B 198 5.65 0.36 -11.69
C THR B 198 5.02 -0.77 -10.86
N ALA B 199 5.32 -2.02 -11.23
CA ALA B 199 4.59 -3.19 -10.76
C ALA B 199 5.48 -4.38 -10.40
N ARG B 200 5.00 -5.18 -9.45
CA ARG B 200 5.66 -6.43 -9.06
C ARG B 200 4.60 -7.52 -9.00
N THR B 201 4.94 -8.72 -9.48
CA THR B 201 4.02 -9.85 -9.45
C THR B 201 4.68 -11.11 -8.90
N LYS B 202 3.82 -12.04 -8.48
CA LYS B 202 4.22 -13.24 -7.77
C LYS B 202 3.17 -14.33 -7.98
N ARG B 203 3.60 -15.59 -8.04
CA ARG B 203 2.69 -16.74 -8.05
C ARG B 203 2.90 -17.52 -6.77
N VAL B 204 1.88 -17.53 -5.91
CA VAL B 204 1.91 -18.26 -4.64
C VAL B 204 1.20 -19.62 -4.76
N ASN B 205 0.00 -19.61 -5.33
CA ASN B 205 -0.83 -20.81 -5.44
C ASN B 205 -0.18 -21.84 -6.39
N PRO B 206 0.20 -23.03 -5.87
CA PRO B 206 0.80 -24.07 -6.74
C PRO B 206 -0.15 -24.70 -7.77
N LYS B 207 -1.46 -24.68 -7.51
CA LYS B 207 -2.46 -25.29 -8.40
C LYS B 207 -2.79 -24.49 -9.68
N ILE B 208 -2.19 -23.31 -9.87
CA ILE B 208 -2.42 -22.48 -11.08
C ILE B 208 -1.13 -22.17 -11.83
N LYS B 209 -1.27 -21.70 -13.07
CA LYS B 209 -0.15 -21.34 -13.92
C LYS B 209 0.27 -19.87 -13.77
N GLY B 210 -0.72 -18.97 -13.64
CA GLY B 210 -0.48 -17.52 -13.66
C GLY B 210 -0.19 -16.87 -12.31
N GLU B 211 0.16 -15.58 -12.36
CA GLU B 211 0.46 -14.79 -11.16
C GLU B 211 -0.82 -14.42 -10.40
N ASP B 212 -0.83 -14.60 -9.09
CA ASP B 212 -2.02 -14.32 -8.26
C ASP B 212 -1.79 -13.24 -7.19
N VAL B 213 -0.67 -12.53 -7.28
CA VAL B 213 -0.36 -11.40 -6.42
C VAL B 213 0.24 -10.32 -7.31
N ALA B 214 -0.24 -9.09 -7.17
CA ALA B 214 0.34 -7.96 -7.87
C ALA B 214 0.24 -6.71 -7.01
N THR B 215 1.38 -6.02 -6.86
CA THR B 215 1.46 -4.75 -6.17
C THR B 215 1.93 -3.71 -7.20
N ILE B 216 1.10 -2.69 -7.41
CA ILE B 216 1.33 -1.67 -8.45
C ILE B 216 1.36 -0.28 -7.81
N LEU B 217 2.29 0.56 -8.26
CA LEU B 217 2.45 1.93 -7.75
C LEU B 217 2.22 2.92 -8.91
N LEU B 218 1.18 3.74 -8.78
CA LEU B 218 0.73 4.64 -9.84
C LEU B 218 1.08 6.10 -9.54
N ASP B 219 1.62 6.80 -10.54
CA ASP B 219 1.84 8.25 -10.48
C ASP B 219 0.75 8.90 -11.32
N HIS B 220 -0.22 9.52 -10.67
CA HIS B 220 -1.34 10.13 -11.38
C HIS B 220 -0.95 11.49 -11.95
N GLN B 221 -1.57 11.84 -13.07
CA GLN B 221 -1.28 13.10 -13.77
C GLN B 221 -1.57 14.33 -12.91
N ASN B 222 -2.57 14.22 -12.03
CA ASN B 222 -2.89 15.30 -11.07
C ASN B 222 -1.92 15.45 -9.87
N GLY B 223 -0.88 14.61 -9.81
CA GLY B 223 0.12 14.68 -8.75
C GLY B 223 -0.03 13.62 -7.66
N ALA B 224 -1.21 13.02 -7.53
CA ALA B 224 -1.46 11.98 -6.53
C ALA B 224 -0.66 10.72 -6.81
N THR B 225 -0.27 10.04 -5.74
CA THR B 225 0.35 8.72 -5.81
C THR B 225 -0.66 7.70 -5.28
N SER B 226 -0.74 6.52 -5.87
CA SER B 226 -1.58 5.47 -5.32
C SER B 226 -0.96 4.08 -5.36
N ILE B 227 -1.56 3.20 -4.56
CA ILE B 227 -1.18 1.80 -4.51
C ILE B 227 -2.39 1.00 -4.95
N VAL B 228 -2.18 0.12 -5.93
CA VAL B 228 -3.16 -0.87 -6.33
C VAL B 228 -2.54 -2.20 -5.97
N ASP B 229 -3.04 -2.81 -4.91
CA ASP B 229 -2.55 -4.13 -4.47
C ASP B 229 -3.69 -5.14 -4.57
N VAL B 230 -3.43 -6.24 -5.27
CA VAL B 230 -4.41 -7.30 -5.49
C VAL B 230 -3.79 -8.67 -5.17
N SER B 231 -4.62 -9.57 -4.60
CA SER B 231 -4.18 -10.92 -4.26
C SER B 231 -5.34 -11.90 -4.21
N TYR B 232 -5.12 -13.08 -4.79
CA TYR B 232 -5.99 -14.25 -4.59
C TYR B 232 -5.33 -15.36 -3.75
N ALA B 233 -4.29 -14.99 -2.98
CA ALA B 233 -3.61 -15.93 -2.07
C ALA B 233 -3.52 -15.37 -0.64
N THR B 234 -4.49 -14.51 -0.27
CA THR B 234 -4.54 -13.88 1.05
C THR B 234 -5.61 -14.59 1.90
N LYS B 235 -5.15 -15.29 2.94
CA LYS B 235 -6.01 -16.10 3.81
C LYS B 235 -6.37 -15.31 5.07
N LEU B 236 -7.56 -14.71 5.05
CA LEU B 236 -8.05 -13.88 6.15
C LEU B 236 -9.13 -14.59 6.96
N GLY B 237 -9.31 -14.12 8.19
CA GLY B 237 -10.35 -14.66 9.08
C GLY B 237 -11.77 -14.30 8.67
N THR B 238 -11.93 -13.21 7.94
CA THR B 238 -13.21 -12.80 7.37
C THR B 238 -12.98 -12.55 5.89
N GLU B 239 -13.54 -13.42 5.04
CA GLU B 239 -13.32 -13.36 3.59
C GLU B 239 -14.02 -12.15 2.97
N PRO B 240 -13.26 -11.17 2.42
CA PRO B 240 -13.89 -9.94 1.92
C PRO B 240 -14.38 -9.99 0.47
N PHE B 241 -14.18 -11.10 -0.23
CA PHE B 241 -14.58 -11.24 -1.64
C PHE B 241 -16.03 -10.81 -1.83
N PRO B 242 -16.36 -9.98 -2.83
CA PRO B 242 -15.43 -9.37 -3.78
C PRO B 242 -15.35 -7.83 -3.57
N GLU B 243 -15.02 -7.44 -2.34
CA GLU B 243 -14.96 -6.03 -1.96
C GLU B 243 -13.60 -5.42 -2.31
N THR B 244 -13.66 -4.24 -2.94
CA THR B 244 -12.48 -3.42 -3.16
C THR B 244 -12.47 -2.37 -2.07
N LEU B 245 -11.38 -2.33 -1.31
CA LEU B 245 -11.23 -1.41 -0.18
C LEU B 245 -10.38 -0.20 -0.59
N ILE B 246 -10.81 0.99 -0.20
CA ILE B 246 -10.28 2.23 -0.76
C ILE B 246 -9.97 3.20 0.37
N ASP B 247 -8.72 3.67 0.37
CA ASP B 247 -8.27 4.76 1.24
C ASP B 247 -7.83 5.90 0.33
N ILE B 248 -8.23 7.12 0.68
CA ILE B 248 -7.84 8.33 -0.04
C ILE B 248 -7.47 9.39 1.02
N ASP B 249 -6.30 10.00 0.86
CA ASP B 249 -5.91 11.16 1.67
C ASP B 249 -5.99 12.42 0.81
N GLY B 250 -6.54 13.49 1.39
CA GLY B 250 -6.60 14.78 0.72
C GLY B 250 -6.09 15.88 1.64
N THR B 251 -5.97 17.08 1.08
CA THR B 251 -5.41 18.23 1.79
C THR B 251 -6.18 18.62 3.05
N GLN B 252 -7.48 18.30 3.08
CA GLN B 252 -8.36 18.66 4.23
C GLN B 252 -9.00 17.46 4.96
N GLY B 253 -8.68 16.23 4.56
CA GLY B 253 -9.34 15.07 5.16
C GLY B 253 -9.03 13.74 4.51
N THR B 254 -9.85 12.74 4.84
CA THR B 254 -9.64 11.36 4.39
C THR B 254 -10.93 10.64 4.11
N ILE B 255 -10.86 9.67 3.20
CA ILE B 255 -11.94 8.72 2.94
C ILE B 255 -11.37 7.34 3.23
N ARG B 256 -12.13 6.52 3.97
CA ARG B 256 -11.78 5.14 4.27
C ARG B 256 -12.99 4.25 4.02
N LEU B 257 -12.94 3.47 2.95
CA LEU B 257 -13.95 2.46 2.66
C LEU B 257 -13.38 1.13 3.11
N SER B 258 -13.82 0.67 4.27
CA SER B 258 -13.32 -0.55 4.90
C SER B 258 -14.27 -1.74 4.68
N GLN B 259 -13.90 -2.91 5.20
CA GLN B 259 -14.61 -4.16 4.93
C GLN B 259 -16.01 -4.12 5.54
N GLY B 260 -17.00 -4.56 4.76
CA GLY B 260 -18.41 -4.46 5.12
C GLY B 260 -19.12 -3.23 4.57
N TYR B 261 -18.56 -2.62 3.52
CA TYR B 261 -19.10 -1.40 2.89
C TYR B 261 -19.31 -0.25 3.90
N ARG B 262 -18.36 -0.12 4.81
CA ARG B 262 -18.35 0.92 5.83
C ARG B 262 -17.52 2.07 5.27
N LEU B 263 -18.17 3.22 5.08
CA LEU B 263 -17.55 4.41 4.52
C LEU B 263 -17.35 5.44 5.63
N GLU B 264 -16.10 5.74 5.92
CA GLU B 264 -15.74 6.72 6.94
C GLU B 264 -15.09 7.92 6.26
N VAL B 265 -15.62 9.11 6.54
CA VAL B 265 -15.12 10.33 5.94
C VAL B 265 -14.79 11.29 7.06
N THR B 266 -13.54 11.77 7.07
CA THR B 266 -13.11 12.83 8.00
C THR B 266 -12.75 14.04 7.17
N GLY B 267 -13.11 15.21 7.67
CA GLY B 267 -12.88 16.48 7.01
C GLY B 267 -12.86 17.59 8.04
N PRO B 268 -12.85 18.85 7.59
CA PRO B 268 -12.71 19.95 8.56
C PRO B 268 -13.87 20.05 9.59
N ASN B 269 -15.07 19.59 9.21
CA ASN B 269 -16.26 19.63 10.10
C ASN B 269 -16.58 18.29 10.82
N GLY B 270 -15.54 17.53 11.15
CA GLY B 270 -15.68 16.30 11.92
C GLY B 270 -15.58 15.04 11.07
N MET B 271 -16.29 14.00 11.49
CA MET B 271 -16.16 12.69 10.87
C MET B 271 -17.51 12.00 10.81
N THR B 272 -17.83 11.43 9.65
CA THR B 272 -19.07 10.70 9.43
C THR B 272 -18.78 9.26 9.07
N ILE B 273 -19.68 8.38 9.48
CA ILE B 273 -19.62 6.96 9.15
C ILE B 273 -20.93 6.69 8.44
N SER B 274 -20.86 6.00 7.30
CA SER B 274 -22.06 5.65 6.58
C SER B 274 -21.96 4.26 5.97
N ASP B 275 -23.12 3.74 5.61
CA ASP B 275 -23.29 2.41 5.07
C ASP B 275 -23.39 2.56 3.56
N ALA B 276 -22.35 2.10 2.85
CA ALA B 276 -22.31 2.15 1.40
C ALA B 276 -22.65 0.78 0.76
N SER B 277 -23.47 -0.02 1.44
CA SER B 277 -23.82 -1.36 0.98
C SER B 277 -24.64 -1.33 -0.31
N PRO B 278 -24.49 -2.37 -1.14
CA PRO B 278 -25.37 -2.51 -2.29
C PRO B 278 -26.77 -2.94 -1.89
N GLN B 279 -27.76 -2.63 -2.72
CA GLN B 279 -29.08 -3.24 -2.61
C GLN B 279 -28.96 -4.71 -3.02
N LEU B 280 -29.60 -5.60 -2.28
CA LEU B 280 -29.74 -7.00 -2.70
C LEU B 280 -30.96 -7.09 -3.62
N LEU B 281 -30.70 -7.26 -4.91
CA LEU B 281 -31.77 -7.40 -5.90
C LEU B 281 -32.41 -8.78 -5.80
N SER B 282 -33.64 -8.90 -6.28
CA SER B 282 -34.42 -10.14 -6.16
C SER B 282 -33.69 -11.36 -6.71
N TRP B 283 -33.02 -11.17 -7.84
CA TRP B 283 -32.29 -12.23 -8.55
C TRP B 283 -30.83 -12.40 -8.11
N ALA B 284 -30.36 -11.52 -7.23
CA ALA B 284 -28.96 -11.51 -6.79
C ALA B 284 -28.72 -12.53 -5.68
N SER B 285 -27.44 -12.73 -5.35
CA SER B 285 -27.02 -13.74 -4.39
C SER B 285 -25.73 -13.28 -3.68
N ARG B 286 -25.72 -13.32 -2.35
CA ARG B 286 -24.51 -12.97 -1.60
C ARG B 286 -23.43 -14.05 -1.81
N PRO B 287 -22.14 -13.69 -1.86
CA PRO B 287 -21.61 -12.32 -1.73
C PRO B 287 -21.46 -11.52 -3.05
N TRP B 288 -22.04 -12.03 -4.14
CA TRP B 288 -21.86 -11.46 -5.49
C TRP B 288 -22.77 -10.27 -5.75
N HIS B 289 -23.73 -10.03 -4.84
CA HIS B 289 -24.77 -8.98 -4.97
C HIS B 289 -24.28 -7.55 -5.21
N ASN B 290 -23.06 -7.27 -4.76
CA ASN B 290 -22.37 -6.03 -5.07
C ASN B 290 -22.09 -5.90 -6.57
N ILE B 291 -21.47 -6.94 -7.14
CA ILE B 291 -21.20 -6.98 -8.57
C ILE B 291 -22.51 -7.02 -9.39
N GLN B 292 -23.47 -7.82 -8.92
CA GLN B 292 -24.72 -8.01 -9.64
C GLN B 292 -25.57 -6.74 -9.75
N GLU B 293 -25.60 -5.92 -8.70
CA GLU B 293 -26.22 -4.60 -8.79
C GLU B 293 -25.54 -3.74 -9.88
N SER B 294 -24.21 -3.74 -9.92
CA SER B 294 -23.48 -2.88 -10.85
C SER B 294 -23.73 -3.22 -12.32
N VAL B 295 -24.04 -4.49 -12.59
CA VAL B 295 -24.45 -4.96 -13.93
C VAL B 295 -25.69 -4.20 -14.38
N LEU B 296 -26.68 -4.07 -13.49
CA LEU B 296 -27.89 -3.29 -13.78
C LEU B 296 -27.55 -1.81 -13.99
N ALA B 297 -26.73 -1.24 -13.11
CA ALA B 297 -26.32 0.16 -13.21
C ALA B 297 -25.65 0.45 -14.56
N ILE B 298 -24.67 -0.37 -14.95
CA ILE B 298 -23.94 -0.10 -16.19
C ILE B 298 -24.80 -0.32 -17.44
N GLN B 299 -25.67 -1.32 -17.42
CA GLN B 299 -26.58 -1.60 -18.54
C GLN B 299 -27.72 -0.58 -18.63
N GLN B 300 -28.19 -0.08 -17.49
CA GLN B 300 -29.09 1.07 -17.48
C GLN B 300 -28.39 2.34 -17.99
N HIS B 301 -27.15 2.55 -17.55
CA HIS B 301 -26.33 3.66 -18.04
C HIS B 301 -26.14 3.60 -19.58
N TRP B 302 -25.87 2.40 -20.09
CA TRP B 302 -25.77 2.19 -21.56
C TRP B 302 -27.05 2.60 -22.28
N THR B 303 -28.18 2.12 -21.78
CA THR B 303 -29.48 2.35 -22.39
C THR B 303 -29.85 3.84 -22.37
N ASP B 304 -29.57 4.52 -21.27
CA ASP B 304 -29.82 5.97 -21.16
C ASP B 304 -28.95 6.75 -22.14
N ARG B 305 -27.64 6.44 -22.15
CA ARG B 305 -26.68 7.11 -23.04
C ARG B 305 -26.93 6.89 -24.53
N LEU B 306 -27.53 5.75 -24.87
CA LEU B 306 -27.85 5.45 -26.27
C LEU B 306 -29.07 6.26 -26.75
N SER B 307 -30.03 6.49 -25.85
CA SER B 307 -31.16 7.40 -26.12
C SER B 307 -30.70 8.86 -26.22
N SER B 308 -29.89 9.31 -25.26
CA SER B 308 -29.37 10.69 -25.25
C SER B 308 -28.30 10.95 -26.33
N GLY B 309 -27.60 9.89 -26.76
CA GLY B 309 -26.56 10.01 -27.77
C GLY B 309 -25.27 10.63 -27.25
N GLY B 310 -24.90 10.26 -26.02
CA GLY B 310 -23.66 10.72 -25.39
C GLY B 310 -22.66 9.59 -25.19
N GLU B 311 -21.43 9.96 -24.85
CA GLU B 311 -20.34 8.99 -24.64
C GLU B 311 -20.53 8.28 -23.29
N THR B 312 -20.42 6.96 -23.27
CA THR B 312 -20.49 6.17 -22.03
C THR B 312 -19.22 6.36 -21.19
N SER B 313 -19.30 5.93 -19.93
CA SER B 313 -18.26 6.19 -18.93
C SER B 313 -17.05 5.30 -19.18
N THR B 314 -17.30 3.99 -19.29
CA THR B 314 -16.27 3.02 -19.67
C THR B 314 -16.40 2.70 -21.16
N SER B 315 -16.29 3.73 -22.00
CA SER B 315 -16.37 3.58 -23.44
C SER B 315 -15.12 2.89 -23.95
N GLY B 316 -15.18 2.34 -25.16
CA GLY B 316 -14.01 1.79 -25.83
C GLY B 316 -12.80 2.69 -25.74
N ALA B 317 -12.98 3.96 -26.08
CA ALA B 317 -11.91 4.96 -26.08
C ALA B 317 -11.34 5.18 -24.68
N ASP B 318 -12.21 5.36 -23.70
CA ASP B 318 -11.82 5.50 -22.30
C ASP B 318 -11.09 4.26 -21.77
N ASN B 319 -11.67 3.09 -22.02
CA ASN B 319 -11.15 1.82 -21.50
C ASN B 319 -9.72 1.48 -21.99
N LEU B 320 -9.30 2.08 -23.11
CA LEU B 320 -7.90 2.00 -23.58
C LEU B 320 -6.93 2.47 -22.50
N LYS B 321 -7.30 3.54 -21.80
CA LYS B 321 -6.45 4.11 -20.74
C LYS B 321 -6.36 3.25 -19.48
N THR B 322 -7.36 2.38 -19.26
CA THR B 322 -7.29 1.33 -18.24
C THR B 322 -6.42 0.16 -18.73
N PHE B 323 -6.66 -0.28 -19.96
CA PHE B 323 -5.95 -1.45 -20.50
C PHE B 323 -4.44 -1.22 -20.67
N ALA B 324 -4.05 -0.01 -21.05
CA ALA B 324 -2.64 0.39 -21.07
C ALA B 324 -1.94 0.15 -19.73
N LEU B 325 -2.65 0.39 -18.63
CA LEU B 325 -2.11 0.15 -17.28
C LEU B 325 -1.88 -1.33 -17.02
N VAL B 326 -2.83 -2.16 -17.44
CA VAL B 326 -2.70 -3.63 -17.39
C VAL B 326 -1.45 -4.10 -18.15
N GLU B 327 -1.26 -3.63 -19.38
CA GLU B 327 -0.07 -4.03 -20.17
C GLU B 327 1.23 -3.45 -19.60
N ALA B 328 1.16 -2.19 -19.14
CA ALA B 328 2.32 -1.58 -18.47
C ALA B 328 2.72 -2.36 -17.22
N ALA B 329 1.74 -2.89 -16.51
CA ALA B 329 1.99 -3.65 -15.27
C ALA B 329 2.74 -4.94 -15.55
N TYR B 330 2.25 -5.71 -16.52
CA TYR B 330 2.93 -6.96 -16.94
C TYR B 330 4.35 -6.70 -17.43
N GLU B 331 4.52 -5.62 -18.20
CA GLU B 331 5.84 -5.18 -18.68
C GLU B 331 6.76 -4.82 -17.51
N SER B 332 6.29 -3.93 -16.63
CA SER B 332 7.08 -3.50 -15.46
C SER B 332 7.46 -4.65 -14.53
N ALA B 333 6.58 -5.64 -14.39
CA ALA B 333 6.83 -6.80 -13.51
C ALA B 333 7.95 -7.69 -14.04
N ALA B 334 7.96 -7.90 -15.35
CA ALA B 334 9.03 -8.65 -16.02
C ALA B 334 10.36 -7.87 -16.05
N ASN B 335 10.29 -6.57 -16.32
CA ASN B 335 11.48 -5.69 -16.41
C ASN B 335 12.06 -5.33 -15.05
N GLY B 336 11.19 -4.94 -14.13
CA GLY B 336 11.57 -4.28 -12.87
C GLY B 336 11.52 -2.76 -12.92
N ARG B 337 11.31 -2.21 -14.12
CA ARG B 337 11.44 -0.77 -14.37
C ARG B 337 10.07 -0.07 -14.46
N THR B 338 10.08 1.25 -14.21
CA THR B 338 8.91 2.10 -14.35
C THR B 338 8.57 2.28 -15.82
N VAL B 339 7.27 2.33 -16.13
CA VAL B 339 6.76 2.38 -17.50
C VAL B 339 5.95 3.65 -17.73
N ASP B 340 6.32 4.41 -18.75
CA ASP B 340 5.59 5.61 -19.18
C ASP B 340 4.29 5.18 -19.87
N ILE B 341 3.15 5.60 -19.32
CA ILE B 341 1.84 5.23 -19.87
C ILE B 341 1.50 6.04 -21.13
N GLY B 342 1.84 7.33 -21.13
CA GLY B 342 1.59 8.22 -22.27
C GLY B 342 2.19 7.79 -23.60
N ALA B 343 3.39 7.21 -23.56
CA ALA B 343 4.07 6.70 -24.76
C ALA B 343 3.44 5.45 -25.37
N MET B 344 2.59 4.74 -24.61
CA MET B 344 1.87 3.56 -25.10
C MET B 344 0.66 3.95 -25.94
N LEU B 345 -0.07 4.97 -25.49
CA LEU B 345 -1.29 5.45 -26.14
C LEU B 345 -0.96 6.40 -27.29
#